data_4YOV
#
_entry.id   4YOV
#
_cell.length_a   94.676
_cell.length_b   95.099
_cell.length_c   105.266
_cell.angle_alpha   90.000
_cell.angle_beta   90.000
_cell.angle_gamma   90.000
#
_symmetry.space_group_name_H-M   'P 21 21 21'
#
loop_
_entity.id
_entity.type
_entity.pdbx_description
1 polymer '3-5 exonuclease PhoExo I'
2 polymer "5'-D(*AP*AP*AP*AP*AP*AP*A)-3'"
3 water water
#
loop_
_entity_poly.entity_id
_entity_poly.type
_entity_poly.pdbx_seq_one_letter_code
_entity_poly.pdbx_strand_id
1 'polypeptide(L)'
;MRIVAADTGGAVLDESFQPVGLIATVAVLVEKPYKTSKRFLVKYADPYNYDLSGRQAIRDEIELAIELAREVSPDVIHLN
STLGGIEVRKLDESTIDALQISDRGKEIWKELSKDLQPLAKKFWEETGIEIIAIGKSSVPVRIAEIYAGIFSVKWALDNV
KEKGGLLVGLPRYMEVEIKKDKIIGKSLDPREGGLYGEVKTEVPQGIKWELYPNPLVRRFMVFEITSKSHHHH
;
A,C,E
2 'polydeoxyribonucleotide' (DA)(DA)(DA)(DA)(DA)(DA)(DA) B,D,F
#
loop_
_chem_comp.id
_chem_comp.type
_chem_comp.name
_chem_comp.formula
DA DNA linking 2'-DEOXYADENOSINE-5'-MONOPHOSPHATE 'C10 H14 N5 O6 P'
#
# COMPACT_ATOMS: atom_id res chain seq x y z
N MET A 1 -26.16 6.35 3.13
CA MET A 1 -26.73 5.53 2.07
C MET A 1 -26.67 4.06 2.39
N ARG A 2 -27.52 3.30 1.71
CA ARG A 2 -27.58 1.85 1.88
C ARG A 2 -27.18 1.14 0.57
N ILE A 3 -26.19 0.26 0.70
CA ILE A 3 -25.54 -0.35 -0.45
C ILE A 3 -25.50 -1.89 -0.38
N VAL A 4 -25.88 -2.52 -1.47
CA VAL A 4 -25.68 -3.95 -1.58
C VAL A 4 -24.45 -4.14 -2.46
N ALA A 5 -23.52 -4.95 -1.99
CA ALA A 5 -22.32 -5.31 -2.75
C ALA A 5 -22.11 -6.81 -2.74
N ALA A 6 -21.32 -7.31 -3.68
CA ALA A 6 -21.03 -8.75 -3.77
C ALA A 6 -19.60 -9.03 -4.18
N ASP A 7 -19.09 -10.17 -3.76
CA ASP A 7 -17.77 -10.57 -4.18
C ASP A 7 -17.62 -12.09 -4.14
N THR A 8 -16.77 -12.63 -5.00
CA THR A 8 -16.39 -14.03 -4.93
C THR A 8 -14.95 -14.10 -4.47
N GLY A 9 -14.66 -14.97 -3.50
CA GLY A 9 -13.29 -15.07 -3.01
C GLY A 9 -13.08 -16.28 -2.13
N GLY A 10 -11.84 -16.51 -1.73
CA GLY A 10 -11.49 -17.72 -1.00
C GLY A 10 -11.22 -18.83 -1.99
N ALA A 11 -10.05 -19.46 -1.88
CA ALA A 11 -9.71 -20.52 -2.83
C ALA A 11 -9.17 -21.75 -2.12
N VAL A 12 -9.48 -22.94 -2.65
CA VAL A 12 -8.78 -24.16 -2.24
C VAL A 12 -7.41 -24.09 -2.87
N LEU A 13 -6.36 -24.29 -2.09
CA LEU A 13 -5.01 -24.30 -2.64
C LEU A 13 -4.44 -25.72 -2.59
N ASP A 14 -3.57 -26.07 -3.53
CA ASP A 14 -2.86 -27.34 -3.43
C ASP A 14 -1.63 -27.14 -2.55
N GLU A 15 -0.82 -28.19 -2.36
CA GLU A 15 0.31 -28.11 -1.43
C GLU A 15 1.43 -27.17 -1.86
N SER A 16 1.48 -26.80 -3.13
CA SER A 16 2.46 -25.81 -3.57
C SER A 16 1.75 -24.44 -3.73
N PHE A 17 0.64 -24.29 -3.02
CA PHE A 17 -0.09 -23.02 -2.89
C PHE A 17 -0.72 -22.52 -4.21
N GLN A 18 -0.92 -23.40 -5.18
CA GLN A 18 -1.58 -23.01 -6.41
C GLN A 18 -3.09 -23.17 -6.29
N PRO A 19 -3.86 -22.13 -6.68
CA PRO A 19 -5.33 -22.16 -6.55
C PRO A 19 -5.97 -23.25 -7.41
N VAL A 20 -6.89 -23.98 -6.79
CA VAL A 20 -7.60 -25.08 -7.44
C VAL A 20 -8.97 -24.60 -7.91
N GLY A 21 -9.64 -23.81 -7.09
CA GLY A 21 -10.96 -23.28 -7.42
C GLY A 21 -11.45 -22.32 -6.33
N LEU A 22 -12.44 -21.50 -6.66
CA LEU A 22 -12.94 -20.53 -5.68
C LEU A 22 -14.06 -21.15 -4.86
N ILE A 23 -14.40 -20.52 -3.75
CA ILE A 23 -15.29 -21.14 -2.77
C ILE A 23 -16.59 -20.38 -2.51
N ALA A 24 -16.47 -19.15 -2.04
CA ALA A 24 -17.63 -18.43 -1.52
C ALA A 24 -17.98 -17.20 -2.36
N THR A 25 -19.25 -17.09 -2.73
CA THR A 25 -19.82 -15.85 -3.27
C THR A 25 -20.76 -15.26 -2.21
N VAL A 26 -20.55 -13.99 -1.89
CA VAL A 26 -21.34 -13.32 -0.86
C VAL A 26 -21.96 -12.02 -1.36
N ALA A 27 -23.23 -11.79 -1.01
CA ALA A 27 -23.82 -10.47 -1.16
C ALA A 27 -24.04 -9.89 0.21
N VAL A 28 -23.69 -8.63 0.40
CA VAL A 28 -23.86 -7.99 1.69
C VAL A 28 -24.63 -6.68 1.58
N LEU A 29 -25.37 -6.35 2.64
CA LEU A 29 -25.93 -5.01 2.79
C LEU A 29 -25.06 -4.22 3.75
N VAL A 30 -24.59 -3.07 3.29
CA VAL A 30 -23.75 -2.20 4.10
C VAL A 30 -24.43 -0.83 4.30
N GLU A 31 -24.50 -0.43 5.58
CA GLU A 31 -25.07 0.85 6.00
C GLU A 31 -24.07 1.59 6.91
N LYS A 32 -24.36 2.86 7.21
CA LYS A 32 -23.54 3.65 8.13
C LYS A 32 -23.37 2.87 9.44
N PRO A 33 -22.15 2.85 10.03
CA PRO A 33 -20.89 3.50 9.66
C PRO A 33 -19.98 2.76 8.64
N TYR A 34 -20.52 1.85 7.82
CA TYR A 34 -19.81 1.30 6.67
C TYR A 34 -18.53 0.54 7.08
N LYS A 35 -18.61 -0.15 8.21
CA LYS A 35 -17.51 -0.98 8.68
C LYS A 35 -17.79 -2.47 8.57
N THR A 36 -19.05 -2.86 8.60
CA THR A 36 -19.38 -4.28 8.54
C THR A 36 -20.75 -4.51 7.87
N SER A 37 -21.24 -5.74 7.90
CA SER A 37 -22.58 -6.03 7.38
C SER A 37 -23.28 -6.95 8.36
N LYS A 38 -24.57 -6.71 8.56
CA LYS A 38 -25.35 -7.56 9.45
C LYS A 38 -26.37 -8.39 8.69
N ARG A 39 -26.49 -8.15 7.39
CA ARG A 39 -27.46 -8.86 6.56
C ARG A 39 -26.79 -9.24 5.23
N PHE A 40 -26.70 -10.54 4.97
CA PHE A 40 -25.90 -11.03 3.86
C PHE A 40 -26.36 -12.41 3.38
N LEU A 41 -25.96 -12.76 2.16
CA LEU A 41 -26.24 -14.08 1.61
C LEU A 41 -24.94 -14.74 1.15
N VAL A 42 -24.91 -16.08 1.17
CA VAL A 42 -23.74 -16.79 0.67
C VAL A 42 -24.18 -17.88 -0.29
N LYS A 43 -23.40 -18.09 -1.35
CA LYS A 43 -23.60 -19.24 -2.20
C LYS A 43 -22.26 -19.92 -2.38
N TYR A 44 -22.18 -21.20 -2.05
CA TYR A 44 -20.93 -21.94 -2.17
C TYR A 44 -20.76 -22.56 -3.56
N ALA A 45 -19.57 -22.44 -4.11
CA ALA A 45 -19.25 -23.13 -5.33
C ALA A 45 -18.64 -24.49 -5.00
N ASP A 46 -18.35 -25.29 -6.03
CA ASP A 46 -17.58 -26.50 -5.85
C ASP A 46 -16.19 -26.23 -6.40
N PRO A 47 -15.24 -25.97 -5.50
CA PRO A 47 -13.89 -25.55 -5.91
C PRO A 47 -13.12 -26.64 -6.67
N TYR A 48 -13.52 -27.90 -6.55
CA TYR A 48 -12.84 -28.99 -7.26
C TYR A 48 -13.40 -29.15 -8.68
N ASN A 49 -14.45 -28.42 -9.00
CA ASN A 49 -15.01 -28.40 -10.34
C ASN A 49 -15.27 -26.96 -10.75
N TYR A 50 -14.19 -26.19 -10.82
CA TYR A 50 -14.27 -24.75 -11.00
C TYR A 50 -13.42 -24.30 -12.18
N ASP A 51 -13.91 -23.33 -12.93
CA ASP A 51 -13.11 -22.78 -14.01
C ASP A 51 -12.58 -21.41 -13.60
N LEU A 52 -11.32 -21.39 -13.20
CA LEU A 52 -10.66 -20.17 -12.67
C LEU A 52 -10.52 -19.12 -13.74
N SER A 53 -10.53 -19.55 -15.00
CA SER A 53 -10.55 -18.63 -16.12
C SER A 53 -11.93 -18.59 -16.74
N GLY A 54 -12.90 -19.18 -16.03
CA GLY A 54 -14.26 -19.26 -16.50
C GLY A 54 -15.08 -18.01 -16.26
N ARG A 55 -14.76 -17.27 -15.19
CA ARG A 55 -15.37 -15.97 -14.97
C ARG A 55 -16.88 -16.14 -14.75
N GLN A 56 -17.21 -17.28 -14.13
CA GLN A 56 -18.52 -17.54 -13.56
C GLN A 56 -18.70 -16.76 -12.26
N ALA A 57 -17.60 -16.30 -11.67
CA ALA A 57 -17.65 -15.59 -10.40
C ALA A 57 -18.55 -14.34 -10.48
N ILE A 58 -18.32 -13.48 -11.47
CA ILE A 58 -19.05 -12.23 -11.56
C ILE A 58 -20.53 -12.44 -11.90
N ARG A 59 -20.82 -13.51 -12.63
CA ARG A 59 -22.20 -13.86 -12.94
C ARG A 59 -22.90 -14.28 -11.65
N ASP A 60 -22.20 -15.07 -10.84
CA ASP A 60 -22.68 -15.39 -9.49
C ASP A 60 -22.83 -14.13 -8.60
N GLU A 61 -21.89 -13.20 -8.71
CA GLU A 61 -21.95 -11.99 -7.88
C GLU A 61 -23.21 -11.16 -8.17
N ILE A 62 -23.48 -10.86 -9.45
CA ILE A 62 -24.60 -9.98 -9.78
C ILE A 62 -25.96 -10.61 -9.42
N GLU A 63 -26.11 -11.92 -9.65
CA GLU A 63 -27.34 -12.63 -9.31
C GLU A 63 -27.61 -12.61 -7.80
N LEU A 64 -26.58 -12.88 -7.00
CA LEU A 64 -26.75 -12.89 -5.56
C LEU A 64 -27.07 -11.48 -5.05
N ALA A 65 -26.39 -10.50 -5.62
CA ALA A 65 -26.60 -9.11 -5.30
C ALA A 65 -28.05 -8.68 -5.61
N ILE A 66 -28.54 -9.07 -6.78
CA ILE A 66 -29.91 -8.75 -7.15
C ILE A 66 -30.89 -9.43 -6.19
N GLU A 67 -30.63 -10.68 -5.86
CA GLU A 67 -31.48 -11.40 -4.91
C GLU A 67 -31.54 -10.68 -3.55
N LEU A 68 -30.39 -10.26 -3.05
CA LEU A 68 -30.40 -9.52 -1.80
C LEU A 68 -31.06 -8.18 -1.97
N ALA A 69 -30.73 -7.51 -3.08
CA ALA A 69 -31.27 -6.17 -3.32
C ALA A 69 -32.80 -6.19 -3.37
N ARG A 70 -33.41 -7.23 -3.92
CA ARG A 70 -34.87 -7.30 -3.96
C ARG A 70 -35.48 -7.36 -2.57
N GLU A 71 -34.77 -7.95 -1.63
CA GLU A 71 -35.23 -8.06 -0.24
C GLU A 71 -35.08 -6.76 0.56
N VAL A 72 -33.95 -6.06 0.36
CA VAL A 72 -33.61 -4.91 1.21
C VAL A 72 -33.67 -3.55 0.53
N SER A 73 -33.82 -3.53 -0.79
CA SER A 73 -33.98 -2.27 -1.56
C SER A 73 -32.95 -1.17 -1.25
N PRO A 74 -31.69 -1.37 -1.65
CA PRO A 74 -30.61 -0.40 -1.40
C PRO A 74 -30.71 0.82 -2.32
N ASP A 75 -29.81 1.78 -2.16
CA ASP A 75 -29.73 2.93 -3.06
C ASP A 75 -28.97 2.57 -4.34
N VAL A 76 -28.06 1.60 -4.23
CA VAL A 76 -27.19 1.19 -5.35
C VAL A 76 -26.60 -0.21 -5.06
N ILE A 77 -26.20 -0.90 -6.12
CA ILE A 77 -25.48 -2.15 -6.01
C ILE A 77 -24.06 -1.90 -6.47
N HIS A 78 -23.09 -2.34 -5.68
CA HIS A 78 -21.68 -2.29 -6.07
C HIS A 78 -21.22 -3.67 -6.50
N LEU A 79 -20.73 -3.78 -7.74
CA LEU A 79 -20.21 -5.02 -8.30
C LEU A 79 -18.69 -4.98 -8.31
N ASN A 80 -18.01 -6.08 -8.03
CA ASN A 80 -16.55 -6.00 -7.89
C ASN A 80 -15.81 -6.04 -9.23
N SER A 81 -15.78 -4.90 -9.90
CA SER A 81 -15.02 -4.74 -11.14
C SER A 81 -14.64 -3.28 -11.33
N THR A 82 -13.34 -3.01 -11.43
CA THR A 82 -12.85 -1.63 -11.41
C THR A 82 -12.92 -1.00 -12.80
N LEU A 83 -14.08 -0.44 -13.11
CA LEU A 83 -14.30 0.17 -14.42
C LEU A 83 -14.63 1.65 -14.29
N GLY A 84 -14.48 2.21 -13.09
CA GLY A 84 -14.68 3.63 -12.88
C GLY A 84 -16.08 4.04 -12.46
N GLY A 85 -16.92 3.06 -12.11
CA GLY A 85 -18.26 3.32 -11.62
C GLY A 85 -19.33 3.34 -12.71
N ILE A 86 -19.00 2.78 -13.87
CA ILE A 86 -19.95 2.77 -14.97
C ILE A 86 -21.11 1.80 -14.73
N GLU A 87 -22.32 2.26 -15.02
CA GLU A 87 -23.50 1.43 -14.86
C GLU A 87 -23.46 0.23 -15.81
N VAL A 88 -23.77 -0.95 -15.26
CA VAL A 88 -23.76 -2.18 -16.04
C VAL A 88 -24.86 -2.18 -17.12
N ARG A 89 -25.94 -1.45 -16.88
CA ARG A 89 -27.01 -1.34 -17.88
C ARG A 89 -26.57 -0.46 -19.06
N LYS A 90 -25.53 0.35 -18.86
CA LYS A 90 -25.04 1.22 -19.93
C LYS A 90 -23.82 0.61 -20.61
N LEU A 91 -23.59 -0.68 -20.35
CA LEU A 91 -22.43 -1.39 -20.87
C LEU A 91 -22.63 -2.01 -22.26
N ASP A 92 -22.16 -1.33 -23.29
CA ASP A 92 -22.07 -1.90 -24.63
C ASP A 92 -20.68 -1.66 -25.18
N GLU A 93 -20.41 -2.17 -26.39
CA GLU A 93 -19.08 -2.09 -26.99
C GLU A 93 -18.60 -0.64 -27.12
N SER A 94 -19.54 0.28 -27.29
CA SER A 94 -19.24 1.70 -27.41
C SER A 94 -18.60 2.27 -26.14
N THR A 95 -19.26 2.08 -25.01
CA THR A 95 -18.82 2.62 -23.73
C THR A 95 -17.65 1.84 -23.09
N ILE A 96 -17.49 0.57 -23.50
CA ILE A 96 -16.39 -0.27 -23.02
C ILE A 96 -15.02 0.16 -23.53
N ASP A 97 -14.95 0.51 -24.81
CA ASP A 97 -13.70 0.96 -25.40
C ASP A 97 -13.23 2.28 -24.80
N ALA A 98 -14.18 3.12 -24.41
CA ALA A 98 -13.88 4.43 -23.82
C ALA A 98 -13.36 4.31 -22.38
N LEU A 99 -13.52 3.14 -21.78
CA LEU A 99 -13.05 2.88 -20.42
C LEU A 99 -11.53 2.91 -20.30
N GLN A 100 -11.07 3.42 -19.16
CA GLN A 100 -9.63 3.54 -18.87
C GLN A 100 -9.12 2.20 -18.34
N ILE A 101 -9.29 1.14 -19.13
CA ILE A 101 -8.89 -0.19 -18.69
C ILE A 101 -8.03 -0.93 -19.72
N SER A 102 -7.46 -2.06 -19.30
CA SER A 102 -6.60 -2.88 -20.15
C SER A 102 -7.36 -3.43 -21.35
N ASP A 103 -6.63 -3.83 -22.39
CA ASP A 103 -7.27 -4.39 -23.58
C ASP A 103 -7.86 -5.77 -23.26
N ARG A 104 -7.26 -6.45 -22.31
CA ARG A 104 -7.80 -7.71 -21.82
C ARG A 104 -9.11 -7.48 -21.10
N GLY A 105 -9.14 -6.45 -20.27
CA GLY A 105 -10.35 -6.04 -19.55
C GLY A 105 -11.49 -5.63 -20.47
N LYS A 106 -11.18 -4.97 -21.57
CA LYS A 106 -12.22 -4.58 -22.53
C LYS A 106 -12.83 -5.81 -23.18
N GLU A 107 -11.99 -6.78 -23.56
CA GLU A 107 -12.48 -7.98 -24.23
C GLU A 107 -13.19 -8.95 -23.28
N ILE A 108 -12.83 -8.97 -22.02
CA ILE A 108 -13.56 -9.82 -21.06
C ILE A 108 -15.00 -9.32 -20.90
N TRP A 109 -15.14 -7.99 -20.88
CA TRP A 109 -16.42 -7.35 -20.58
C TRP A 109 -17.33 -7.17 -21.81
N LYS A 110 -16.77 -7.13 -23.01
CA LYS A 110 -17.62 -7.16 -24.21
C LYS A 110 -18.35 -8.50 -24.31
N GLU A 111 -17.71 -9.57 -23.85
CA GLU A 111 -18.36 -10.87 -23.87
C GLU A 111 -19.34 -11.00 -22.69
N LEU A 112 -18.94 -10.47 -21.51
CA LEU A 112 -19.79 -10.55 -20.32
C LEU A 112 -21.08 -9.72 -20.44
N SER A 113 -20.99 -8.56 -21.07
CA SER A 113 -22.14 -7.66 -21.21
C SER A 113 -23.37 -8.37 -21.79
N LYS A 114 -23.17 -9.36 -22.67
CA LYS A 114 -24.28 -10.05 -23.36
C LYS A 114 -25.36 -10.63 -22.44
N ASP A 115 -24.98 -11.06 -21.24
CA ASP A 115 -25.96 -11.56 -20.28
C ASP A 115 -26.21 -10.49 -19.21
N LEU A 116 -25.14 -9.86 -18.77
CA LEU A 116 -25.21 -8.97 -17.62
C LEU A 116 -25.90 -7.65 -17.94
N GLN A 117 -25.62 -7.08 -19.10
CA GLN A 117 -26.24 -5.80 -19.47
C GLN A 117 -27.78 -5.91 -19.55
N PRO A 118 -28.33 -6.96 -20.19
CA PRO A 118 -29.79 -7.08 -20.13
C PRO A 118 -30.31 -7.28 -18.71
N LEU A 119 -29.57 -8.02 -17.89
CA LEU A 119 -29.98 -8.29 -16.51
C LEU A 119 -30.10 -7.00 -15.72
N ALA A 120 -29.05 -6.18 -15.79
CA ALA A 120 -29.01 -4.90 -15.12
C ALA A 120 -30.04 -3.93 -15.67
N LYS A 121 -30.26 -3.98 -16.99
CA LYS A 121 -31.25 -3.09 -17.58
C LYS A 121 -32.63 -3.41 -17.01
N LYS A 122 -32.99 -4.68 -16.99
CA LYS A 122 -34.30 -5.10 -16.46
C LYS A 122 -34.46 -4.78 -14.98
N PHE A 123 -33.40 -4.98 -14.19
CA PHE A 123 -33.48 -4.70 -12.78
C PHE A 123 -33.67 -3.21 -12.57
N TRP A 124 -33.00 -2.40 -13.38
CA TRP A 124 -33.17 -0.95 -13.32
C TRP A 124 -34.59 -0.53 -13.73
N GLU A 125 -35.13 -1.15 -14.78
CA GLU A 125 -36.48 -0.83 -15.22
C GLU A 125 -37.44 -1.10 -14.07
N GLU A 126 -37.20 -2.20 -13.36
CA GLU A 126 -38.06 -2.61 -12.26
C GLU A 126 -37.96 -1.75 -11.00
N THR A 127 -36.78 -1.22 -10.70
CA THR A 127 -36.55 -0.62 -9.40
C THR A 127 -35.95 0.79 -9.39
N GLY A 128 -35.33 1.20 -10.50
CA GLY A 128 -34.53 2.42 -10.54
C GLY A 128 -33.12 2.25 -9.94
N ILE A 129 -32.81 1.06 -9.44
CA ILE A 129 -31.49 0.83 -8.82
C ILE A 129 -30.41 0.49 -9.86
N GLU A 130 -29.32 1.25 -9.84
CA GLU A 130 -28.18 0.98 -10.72
C GLU A 130 -27.22 -0.09 -10.15
N ILE A 131 -26.63 -0.87 -11.06
CA ILE A 131 -25.56 -1.80 -10.75
C ILE A 131 -24.28 -1.23 -11.33
N ILE A 132 -23.33 -0.82 -10.46
CA ILE A 132 -22.16 -0.12 -10.96
C ILE A 132 -20.85 -0.88 -10.76
N ALA A 133 -19.99 -0.84 -11.77
CA ALA A 133 -18.69 -1.49 -11.68
C ALA A 133 -17.66 -0.54 -11.08
N ILE A 134 -17.55 -0.55 -9.75
CA ILE A 134 -16.69 0.38 -9.04
C ILE A 134 -15.42 -0.32 -8.54
N GLY A 135 -15.53 -1.58 -8.16
CA GLY A 135 -14.38 -2.40 -7.78
C GLY A 135 -13.59 -1.92 -6.56
N LYS A 136 -12.29 -1.70 -6.75
CA LYS A 136 -11.35 -1.44 -5.67
C LYS A 136 -11.70 -0.20 -4.85
N SER A 137 -12.46 0.71 -5.44
CA SER A 137 -12.81 1.97 -4.81
C SER A 137 -13.86 1.79 -3.72
N SER A 138 -14.61 0.70 -3.78
CA SER A 138 -15.78 0.50 -2.93
C SER A 138 -15.50 -0.15 -1.56
N VAL A 139 -15.97 0.48 -0.49
CA VAL A 139 -15.90 -0.16 0.82
C VAL A 139 -16.89 -1.33 0.99
N PRO A 140 -18.16 -1.16 0.59
CA PRO A 140 -19.02 -2.36 0.58
C PRO A 140 -18.41 -3.58 -0.19
N VAL A 141 -17.74 -3.33 -1.30
CA VAL A 141 -17.10 -4.44 -2.02
C VAL A 141 -16.03 -5.11 -1.14
N ARG A 142 -15.26 -4.30 -0.40
CA ARG A 142 -14.22 -4.85 0.45
C ARG A 142 -14.83 -5.66 1.60
N ILE A 143 -15.96 -5.19 2.11
CA ILE A 143 -16.66 -5.91 3.16
C ILE A 143 -17.23 -7.25 2.67
N ALA A 144 -17.74 -7.29 1.44
CA ALA A 144 -18.21 -8.54 0.84
C ALA A 144 -17.05 -9.53 0.71
N GLU A 145 -15.92 -9.01 0.25
CA GLU A 145 -14.70 -9.76 0.10
C GLU A 145 -14.27 -10.37 1.45
N ILE A 146 -14.32 -9.56 2.51
CA ILE A 146 -14.01 -10.06 3.87
C ILE A 146 -14.93 -11.21 4.25
N TYR A 147 -16.23 -11.06 3.97
CA TYR A 147 -17.19 -12.13 4.25
C TYR A 147 -16.97 -13.39 3.40
N ALA A 148 -16.54 -13.23 2.13
CA ALA A 148 -16.16 -14.36 1.29
C ALA A 148 -15.04 -15.16 1.98
N GLY A 149 -14.09 -14.45 2.58
CA GLY A 149 -13.03 -15.08 3.37
C GLY A 149 -13.60 -15.88 4.53
N ILE A 150 -14.45 -15.26 5.33
CA ILE A 150 -15.07 -15.94 6.46
C ILE A 150 -15.86 -17.19 6.02
N PHE A 151 -16.71 -17.06 5.00
CA PHE A 151 -17.53 -18.20 4.56
C PHE A 151 -16.68 -19.32 3.95
N SER A 152 -15.56 -18.95 3.35
CA SER A 152 -14.63 -19.93 2.83
C SER A 152 -14.05 -20.76 3.97
N VAL A 153 -13.72 -20.08 5.07
CA VAL A 153 -13.18 -20.80 6.24
C VAL A 153 -14.29 -21.65 6.85
N LYS A 154 -15.51 -21.09 6.89
CA LYS A 154 -16.64 -21.86 7.38
C LYS A 154 -16.83 -23.10 6.49
N TRP A 155 -16.77 -22.89 5.17
CA TRP A 155 -16.86 -24.02 4.26
C TRP A 155 -15.76 -25.08 4.53
N ALA A 156 -14.52 -24.62 4.75
CA ALA A 156 -13.41 -25.54 4.95
C ALA A 156 -13.60 -26.36 6.22
N LEU A 157 -14.02 -25.69 7.30
CA LEU A 157 -14.29 -26.36 8.57
C LEU A 157 -15.40 -27.42 8.40
N ASP A 158 -16.37 -27.14 7.55
CA ASP A 158 -17.50 -28.05 7.35
C ASP A 158 -17.22 -29.19 6.37
N ASN A 159 -16.13 -29.10 5.61
CA ASN A 159 -15.87 -30.09 4.56
C ASN A 159 -14.56 -30.87 4.66
N VAL A 160 -13.80 -30.63 5.71
CA VAL A 160 -12.53 -31.32 5.88
C VAL A 160 -12.74 -32.75 6.38
N GLY A 164 -8.87 -34.82 5.29
CA GLY A 164 -7.83 -34.90 6.30
C GLY A 164 -6.90 -33.70 6.34
N GLY A 165 -7.16 -32.71 5.50
CA GLY A 165 -6.34 -31.52 5.41
C GLY A 165 -6.79 -30.61 4.26
N LEU A 166 -6.89 -29.32 4.52
CA LEU A 166 -7.36 -28.32 3.55
C LEU A 166 -6.57 -27.01 3.67
N LEU A 167 -6.15 -26.45 2.53
CA LEU A 167 -5.54 -25.12 2.48
C LEU A 167 -6.52 -24.16 1.80
N VAL A 168 -6.94 -23.13 2.51
CA VAL A 168 -7.79 -22.06 1.97
C VAL A 168 -6.94 -20.81 1.82
N GLY A 169 -6.86 -20.32 0.59
CA GLY A 169 -6.19 -19.09 0.28
C GLY A 169 -7.23 -17.98 0.49
N LEU A 170 -6.98 -17.09 1.46
CA LEU A 170 -7.93 -16.02 1.76
C LEU A 170 -7.82 -14.88 0.75
N PRO A 171 -8.87 -14.03 0.66
CA PRO A 171 -8.75 -12.79 -0.12
C PRO A 171 -7.65 -11.90 0.49
N ARG A 172 -7.24 -10.84 -0.20
CA ARG A 172 -6.08 -10.06 0.16
C ARG A 172 -6.09 -9.42 1.57
N TYR A 173 -4.92 -9.48 2.20
CA TYR A 173 -4.60 -8.99 3.54
C TYR A 173 -5.78 -8.94 4.46
N MET A 174 -6.28 -10.12 4.80
CA MET A 174 -7.26 -10.29 5.85
C MET A 174 -6.89 -11.50 6.67
N GLU A 175 -7.37 -11.51 7.92
CA GLU A 175 -7.15 -12.57 8.90
C GLU A 175 -8.50 -13.10 9.34
N VAL A 176 -8.53 -14.30 9.89
CA VAL A 176 -9.74 -14.82 10.51
C VAL A 176 -9.46 -15.30 11.92
N GLU A 177 -10.46 -15.20 12.78
CA GLU A 177 -10.34 -15.70 14.15
C GLU A 177 -11.45 -16.72 14.37
N ILE A 178 -11.08 -17.82 14.99
CA ILE A 178 -12.01 -18.89 15.29
C ILE A 178 -12.45 -18.76 16.75
N LYS A 179 -13.76 -18.72 16.98
CA LYS A 179 -14.27 -18.72 18.33
C LYS A 179 -15.19 -19.92 18.41
N LYS A 180 -15.73 -20.19 19.60
CA LYS A 180 -16.52 -21.39 19.86
C LYS A 180 -17.75 -21.51 18.95
N ASP A 181 -18.38 -20.38 18.66
CA ASP A 181 -19.67 -20.37 17.99
C ASP A 181 -19.69 -19.41 16.81
N LYS A 182 -18.52 -18.91 16.43
CA LYS A 182 -18.47 -17.94 15.35
C LYS A 182 -17.08 -17.84 14.78
N ILE A 183 -17.03 -17.29 13.57
CA ILE A 183 -15.78 -16.92 12.91
C ILE A 183 -15.80 -15.41 12.67
N ILE A 184 -14.69 -14.76 13.00
CA ILE A 184 -14.55 -13.31 12.76
C ILE A 184 -13.52 -13.05 11.67
N GLY A 185 -13.82 -12.16 10.72
CA GLY A 185 -12.86 -11.79 9.71
C GLY A 185 -12.56 -10.31 9.82
N LYS A 186 -11.32 -9.91 9.63
CA LYS A 186 -10.94 -8.51 9.75
C LYS A 186 -9.96 -8.14 8.67
N SER A 187 -10.05 -6.93 8.11
CA SER A 187 -8.98 -6.50 7.22
C SER A 187 -7.68 -6.40 8.01
N LEU A 188 -6.54 -6.71 7.39
CA LEU A 188 -5.26 -6.45 8.03
C LEU A 188 -4.76 -5.03 7.74
N ASP A 189 -5.46 -4.27 6.90
CA ASP A 189 -4.99 -2.92 6.54
C ASP A 189 -5.71 -1.85 7.38
N PRO A 190 -4.99 -1.24 8.34
CA PRO A 190 -5.61 -0.20 9.19
C PRO A 190 -6.01 1.08 8.41
N ARG A 191 -5.46 1.26 7.21
CA ARG A 191 -5.88 2.37 6.37
C ARG A 191 -7.35 2.27 5.94
N GLU A 192 -7.93 1.07 6.03
CA GLU A 192 -9.32 0.88 5.58
C GLU A 192 -10.32 1.27 6.66
N GLY A 193 -9.83 1.49 7.87
CA GLY A 193 -10.64 2.12 8.92
C GLY A 193 -11.43 1.11 9.74
N GLY A 194 -11.00 -0.14 9.70
CA GLY A 194 -11.52 -1.14 10.63
C GLY A 194 -12.67 -1.98 10.10
N LEU A 195 -12.49 -2.50 8.89
CA LEU A 195 -13.53 -3.29 8.25
C LEU A 195 -13.54 -4.70 8.80
N TYR A 196 -14.72 -5.23 9.10
CA TYR A 196 -14.74 -6.55 9.74
C TYR A 196 -16.03 -7.28 9.44
N GLY A 197 -16.05 -8.59 9.67
CA GLY A 197 -17.28 -9.35 9.53
C GLY A 197 -17.38 -10.46 10.56
N GLU A 198 -18.56 -11.03 10.72
CA GLU A 198 -18.76 -12.08 11.71
C GLU A 198 -19.88 -13.04 11.30
N VAL A 199 -19.58 -14.35 11.35
CA VAL A 199 -20.56 -15.36 10.95
C VAL A 199 -20.71 -16.47 12.01
N LYS A 200 -21.96 -16.83 12.31
CA LYS A 200 -22.23 -17.93 13.24
C LYS A 200 -21.96 -19.28 12.61
N THR A 201 -21.30 -20.16 13.36
CA THR A 201 -21.07 -21.53 12.92
C THR A 201 -20.64 -22.41 14.10
N GLU A 202 -20.83 -23.71 13.96
CA GLU A 202 -20.31 -24.64 14.98
C GLU A 202 -18.92 -25.07 14.55
N VAL A 203 -17.95 -24.91 15.44
CA VAL A 203 -16.60 -25.32 15.08
C VAL A 203 -16.44 -26.79 15.47
N PRO A 204 -16.13 -27.63 14.47
CA PRO A 204 -15.96 -29.09 14.58
C PRO A 204 -14.80 -29.52 15.49
N GLN A 205 -14.84 -30.78 15.90
CA GLN A 205 -13.80 -31.35 16.77
C GLN A 205 -12.79 -32.17 15.98
N GLY A 206 -11.66 -32.43 16.62
CA GLY A 206 -10.65 -33.31 16.04
C GLY A 206 -9.85 -32.67 14.93
N ILE A 207 -9.88 -31.34 14.86
CA ILE A 207 -9.10 -30.62 13.87
C ILE A 207 -8.26 -29.49 14.48
N LYS A 208 -7.14 -29.20 13.84
CA LYS A 208 -6.30 -28.08 14.20
C LYS A 208 -6.27 -27.12 13.03
N TRP A 209 -6.01 -25.85 13.31
CA TRP A 209 -5.95 -24.84 12.25
C TRP A 209 -4.79 -23.90 12.54
N GLU A 210 -4.30 -23.26 11.48
CA GLU A 210 -3.25 -22.28 11.57
C GLU A 210 -3.50 -21.22 10.48
N LEU A 211 -3.09 -19.98 10.73
CA LEU A 211 -3.17 -18.89 9.75
C LEU A 211 -1.76 -18.38 9.50
N TYR A 212 -1.33 -18.27 8.26
CA TYR A 212 0.04 -17.83 8.02
C TYR A 212 0.14 -17.22 6.62
N PRO A 213 1.23 -16.49 6.34
CA PRO A 213 1.45 -15.89 5.02
C PRO A 213 1.64 -16.94 3.91
N ASN A 214 0.94 -16.74 2.81
CA ASN A 214 1.21 -17.40 1.55
C ASN A 214 2.59 -17.01 1.05
N PRO A 215 3.52 -17.99 0.98
CA PRO A 215 4.89 -17.60 0.64
C PRO A 215 5.08 -17.10 -0.78
N LEU A 216 4.15 -17.42 -1.67
CA LEU A 216 4.32 -17.07 -3.07
C LEU A 216 3.53 -15.84 -3.47
N VAL A 217 2.66 -15.40 -2.59
CA VAL A 217 1.78 -14.25 -2.87
C VAL A 217 1.74 -13.32 -1.65
N ARG A 218 2.71 -12.40 -1.56
CA ARG A 218 2.85 -11.48 -0.42
C ARG A 218 1.55 -10.66 -0.17
N ARG A 219 1.20 -10.49 1.11
CA ARG A 219 -0.01 -9.83 1.62
C ARG A 219 -1.27 -10.67 1.48
N PHE A 220 -1.14 -11.94 1.10
CA PHE A 220 -2.28 -12.86 1.18
C PHE A 220 -2.02 -13.94 2.26
N MET A 221 -3.02 -14.26 3.07
CA MET A 221 -2.83 -15.28 4.11
C MET A 221 -3.42 -16.62 3.69
N VAL A 222 -2.90 -17.68 4.30
CA VAL A 222 -3.43 -19.02 4.15
C VAL A 222 -4.07 -19.46 5.46
N PHE A 223 -5.25 -20.06 5.37
CA PHE A 223 -5.85 -20.74 6.50
C PHE A 223 -5.76 -22.24 6.26
N GLU A 224 -5.02 -22.94 7.11
CA GLU A 224 -4.78 -24.38 6.90
C GLU A 224 -5.44 -25.21 7.96
N ILE A 225 -6.17 -26.25 7.54
CA ILE A 225 -6.82 -27.14 8.47
C ILE A 225 -6.14 -28.49 8.35
N THR A 226 -5.81 -29.08 9.49
CA THR A 226 -5.21 -30.41 9.54
C THR A 226 -6.00 -31.29 10.47
N SER A 227 -6.11 -32.57 10.15
CA SER A 227 -6.74 -33.51 11.07
C SER A 227 -5.72 -33.97 12.11
N LYS A 228 -6.17 -34.20 13.33
CA LYS A 228 -5.29 -34.76 14.35
C LYS A 228 -5.03 -36.24 14.02
N SER A 229 -5.85 -36.77 13.11
CA SER A 229 -5.73 -38.12 12.52
C SER A 229 -5.08 -39.17 13.41
N MET C 1 6.68 -26.25 2.00
CA MET C 1 7.66 -25.77 1.03
C MET C 1 8.88 -25.17 1.74
N ARG C 2 10.07 -25.38 1.17
CA ARG C 2 11.28 -24.77 1.74
C ARG C 2 11.94 -23.91 0.67
N ILE C 3 12.18 -22.66 1.00
CA ILE C 3 12.63 -21.69 0.03
C ILE C 3 13.89 -20.97 0.47
N VAL C 4 14.87 -20.81 -0.42
CA VAL C 4 16.00 -19.95 -0.13
C VAL C 4 15.85 -18.66 -0.95
N ALA C 5 15.95 -17.51 -0.29
CA ALA C 5 15.88 -16.24 -0.99
C ALA C 5 17.04 -15.37 -0.61
N ALA C 6 17.33 -14.38 -1.45
CA ALA C 6 18.44 -13.47 -1.17
C ALA C 6 18.07 -12.03 -1.49
N ASP C 7 18.71 -11.10 -0.80
CA ASP C 7 18.51 -9.70 -1.11
C ASP C 7 19.67 -8.84 -0.63
N THR C 8 19.93 -7.76 -1.36
CA THR C 8 20.92 -6.78 -0.95
C THR C 8 20.15 -5.55 -0.48
N GLY C 9 20.55 -4.98 0.66
CA GLY C 9 19.84 -3.82 1.19
C GLY C 9 20.56 -3.14 2.32
N GLY C 10 20.01 -2.02 2.79
CA GLY C 10 20.68 -1.22 3.80
C GLY C 10 21.66 -0.27 3.14
N ALA C 11 21.58 1.02 3.44
CA ALA C 11 22.50 1.95 2.80
C ALA C 11 23.12 2.92 3.79
N VAL C 12 24.39 3.26 3.58
CA VAL C 12 24.94 4.40 4.30
C VAL C 12 24.41 5.68 3.66
N LEU C 13 23.86 6.58 4.47
CA LEU C 13 23.38 7.86 3.94
C LEU C 13 24.27 9.01 4.36
N ASP C 14 24.36 10.03 3.53
CA ASP C 14 25.06 11.26 3.92
C ASP C 14 24.14 12.13 4.74
N GLU C 15 24.61 13.32 5.10
CA GLU C 15 23.89 14.21 6.01
C GLU C 15 22.60 14.75 5.41
N SER C 16 22.49 14.72 4.09
CA SER C 16 21.28 15.12 3.40
C SER C 16 20.49 13.93 2.90
N PHE C 17 20.69 12.78 3.55
CA PHE C 17 19.92 11.57 3.31
C PHE C 17 20.10 10.96 1.93
N GLN C 18 21.19 11.30 1.25
CA GLN C 18 21.48 10.65 -0.03
C GLN C 18 22.34 9.41 0.16
N PRO C 19 21.91 8.29 -0.45
CA PRO C 19 22.62 7.02 -0.34
C PRO C 19 24.02 7.04 -0.96
N VAL C 20 24.99 6.55 -0.18
CA VAL C 20 26.40 6.50 -0.56
C VAL C 20 26.75 5.13 -1.11
N GLY C 21 26.22 4.09 -0.46
CA GLY C 21 26.45 2.72 -0.88
C GLY C 21 25.68 1.74 -0.03
N LEU C 22 25.51 0.52 -0.54
CA LEU C 22 24.75 -0.52 0.15
C LEU C 22 25.67 -1.32 1.07
N ILE C 23 25.06 -2.07 1.98
CA ILE C 23 25.82 -2.68 3.06
C ILE C 23 25.79 -4.22 3.06
N ALA C 24 24.60 -4.81 3.20
CA ALA C 24 24.48 -6.23 3.46
C ALA C 24 23.79 -7.00 2.34
N THR C 25 24.39 -8.13 1.96
CA THR C 25 23.71 -9.12 1.10
C THR C 25 23.43 -10.35 1.95
N VAL C 26 22.18 -10.79 1.96
CA VAL C 26 21.74 -11.90 2.80
C VAL C 26 21.03 -12.99 2.00
N ALA C 27 21.33 -14.25 2.28
CA ALA C 27 20.50 -15.36 1.82
C ALA C 27 19.82 -15.95 3.02
N VAL C 28 18.54 -16.26 2.91
CA VAL C 28 17.81 -16.83 4.02
C VAL C 28 17.10 -18.11 3.61
N LEU C 29 16.95 -19.01 4.56
CA LEU C 29 16.09 -20.18 4.39
C LEU C 29 14.75 -19.94 5.05
N VAL C 30 13.66 -20.06 4.30
CA VAL C 30 12.34 -19.83 4.89
C VAL C 30 11.49 -21.09 4.80
N GLU C 31 10.90 -21.47 5.93
CA GLU C 31 10.04 -22.64 6.02
C GLU C 31 8.76 -22.19 6.69
N LYS C 32 7.76 -23.06 6.70
CA LYS C 32 6.49 -22.78 7.36
C LYS C 32 6.75 -22.33 8.80
N PRO C 33 6.00 -21.32 9.31
CA PRO C 33 4.87 -20.59 8.71
C PRO C 33 5.26 -19.36 7.90
N TYR C 34 6.48 -19.33 7.39
CA TYR C 34 6.90 -18.34 6.40
C TYR C 34 6.87 -16.90 6.94
N LYS C 35 7.18 -16.73 8.22
CA LYS C 35 7.18 -15.41 8.84
C LYS C 35 8.59 -14.94 9.12
N THR C 36 9.53 -15.89 9.25
CA THR C 36 10.91 -15.53 9.56
C THR C 36 11.90 -16.54 8.99
N SER C 37 13.18 -16.41 9.36
CA SER C 37 14.22 -17.37 9.00
C SER C 37 15.09 -17.66 10.20
N LYS C 38 15.50 -18.92 10.37
CA LYS C 38 16.38 -19.31 11.46
C LYS C 38 17.78 -19.70 10.96
N ARG C 39 17.96 -19.73 9.65
CA ARG C 39 19.22 -20.13 9.04
C ARG C 39 19.57 -19.20 7.88
N PHE C 40 20.70 -18.50 7.95
CA PHE C 40 20.98 -17.46 6.96
C PHE C 40 22.47 -17.16 6.85
N LEU C 41 22.84 -16.51 5.75
CA LEU C 41 24.23 -16.08 5.52
C LEU C 41 24.25 -14.58 5.20
N VAL C 42 25.36 -13.92 5.52
CA VAL C 42 25.52 -12.50 5.18
C VAL C 42 26.87 -12.26 4.49
N LYS C 43 26.89 -11.36 3.53
CA LYS C 43 28.14 -10.84 2.95
C LYS C 43 28.06 -9.31 3.00
N TYR C 44 29.02 -8.66 3.66
CA TYR C 44 29.01 -7.21 3.76
C TYR C 44 29.77 -6.59 2.59
N ALA C 45 29.23 -5.52 2.02
CA ALA C 45 29.96 -4.79 0.99
C ALA C 45 30.76 -3.65 1.60
N ASP C 46 31.50 -2.92 0.77
CA ASP C 46 32.12 -1.69 1.21
C ASP C 46 31.29 -0.54 0.68
N PRO C 47 30.46 0.06 1.54
CA PRO C 47 29.51 1.08 1.07
C PRO C 47 30.21 2.33 0.58
N TYR C 48 31.45 2.54 0.99
CA TYR C 48 32.23 3.69 0.58
C TYR C 48 33.01 3.49 -0.73
N ASN C 49 33.00 2.26 -1.24
CA ASN C 49 33.58 1.96 -2.55
C ASN C 49 32.64 1.04 -3.31
N TYR C 50 31.46 1.55 -3.59
CA TYR C 50 30.35 0.78 -4.10
C TYR C 50 29.87 1.43 -5.39
N ASP C 51 29.46 0.64 -6.37
CA ASP C 51 28.87 1.21 -7.55
C ASP C 51 27.37 1.00 -7.51
N LEU C 52 26.63 2.05 -7.15
CA LEU C 52 25.19 1.92 -6.97
C LEU C 52 24.50 1.62 -8.30
N SER C 53 25.08 2.14 -9.37
CA SER C 53 24.67 1.79 -10.73
C SER C 53 25.77 1.04 -11.48
N GLY C 54 25.93 -0.26 -11.25
CA GLY C 54 25.11 -1.03 -10.35
C GLY C 54 25.33 -2.50 -10.60
N ARG C 55 24.39 -3.31 -10.12
CA ARG C 55 24.28 -4.74 -10.44
C ARG C 55 25.46 -5.61 -9.99
N GLN C 56 26.21 -5.20 -8.97
CA GLN C 56 27.09 -6.16 -8.31
C GLN C 56 26.23 -6.90 -7.30
N ALA C 57 25.11 -6.26 -6.95
CA ALA C 57 24.18 -6.80 -5.96
C ALA C 57 23.60 -8.15 -6.36
N ILE C 58 23.04 -8.24 -7.57
CA ILE C 58 22.35 -9.45 -7.97
C ILE C 58 23.34 -10.61 -8.10
N ARG C 59 24.57 -10.27 -8.50
CA ARG C 59 25.58 -11.29 -8.65
C ARG C 59 25.93 -11.85 -7.28
N ASP C 60 26.09 -10.98 -6.28
CA ASP C 60 26.31 -11.42 -4.91
C ASP C 60 25.17 -12.27 -4.36
N GLU C 61 23.94 -11.86 -4.65
CA GLU C 61 22.74 -12.56 -4.18
C GLU C 61 22.65 -13.99 -4.68
N ILE C 62 22.83 -14.18 -5.98
CA ILE C 62 22.67 -15.52 -6.56
C ILE C 62 23.77 -16.44 -6.05
N GLU C 63 24.98 -15.91 -5.92
CA GLU C 63 26.10 -16.69 -5.38
C GLU C 63 25.81 -17.12 -3.95
N LEU C 64 25.35 -16.18 -3.14
CA LEU C 64 25.09 -16.45 -1.73
C LEU C 64 23.94 -17.43 -1.52
N ALA C 65 22.88 -17.27 -2.31
CA ALA C 65 21.73 -18.18 -2.29
C ALA C 65 22.14 -19.62 -2.67
N ILE C 66 22.97 -19.74 -3.69
CA ILE C 66 23.44 -21.06 -4.12
C ILE C 66 24.25 -21.71 -2.99
N GLU C 67 25.08 -20.91 -2.33
CA GLU C 67 25.88 -21.39 -1.20
C GLU C 67 25.01 -21.91 -0.05
N LEU C 68 23.96 -21.17 0.29
CA LEU C 68 23.05 -21.61 1.34
C LEU C 68 22.27 -22.85 0.83
N ALA C 69 21.83 -22.78 -0.41
CA ALA C 69 21.04 -23.87 -0.98
C ALA C 69 21.80 -25.20 -0.94
N ARG C 70 23.09 -25.17 -1.23
CA ARG C 70 23.90 -26.41 -1.20
C ARG C 70 23.87 -27.08 0.17
N GLU C 71 23.82 -26.27 1.23
CA GLU C 71 23.76 -26.79 2.59
C GLU C 71 22.37 -27.29 2.97
N VAL C 72 21.31 -26.59 2.56
CA VAL C 72 19.99 -26.91 3.07
C VAL C 72 19.01 -27.51 2.07
N SER C 73 19.40 -27.53 0.79
CA SER C 73 18.62 -28.17 -0.32
C SER C 73 17.16 -27.75 -0.36
N PRO C 74 16.89 -26.47 -0.70
CA PRO C 74 15.50 -26.02 -0.72
C PRO C 74 14.74 -26.57 -1.93
N ASP C 75 13.46 -26.25 -2.03
CA ASP C 75 12.65 -26.63 -3.19
C ASP C 75 12.85 -25.68 -4.37
N VAL C 76 13.19 -24.44 -4.06
CA VAL C 76 13.32 -23.40 -5.07
C VAL C 76 14.17 -22.27 -4.47
N ILE C 77 14.83 -21.51 -5.34
CA ILE C 77 15.54 -20.30 -4.92
C ILE C 77 14.80 -19.08 -5.51
N HIS C 78 14.50 -18.09 -4.67
CA HIS C 78 13.89 -16.84 -5.11
C HIS C 78 14.93 -15.75 -5.14
N LEU C 79 15.11 -15.14 -6.30
CA LEU C 79 16.06 -14.06 -6.44
C LEU C 79 15.29 -12.72 -6.43
N ASN C 80 15.85 -11.67 -5.84
CA ASN C 80 15.06 -10.44 -5.74
C ASN C 80 15.03 -9.68 -7.05
N SER C 81 14.17 -10.14 -7.96
CA SER C 81 13.95 -9.47 -9.23
C SER C 81 12.58 -9.85 -9.80
N THR C 82 11.74 -8.86 -10.03
CA THR C 82 10.34 -9.06 -10.41
C THR C 82 10.19 -9.22 -11.92
N LEU C 83 10.37 -10.44 -12.41
CA LEU C 83 10.31 -10.73 -13.83
C LEU C 83 9.20 -11.71 -14.16
N GLY C 84 8.32 -11.94 -13.18
CA GLY C 84 7.16 -12.78 -13.39
C GLY C 84 7.39 -14.24 -13.05
N GLY C 85 8.53 -14.54 -12.46
CA GLY C 85 8.78 -15.89 -12.00
C GLY C 85 9.52 -16.76 -13.00
N ILE C 86 10.19 -16.14 -13.97
CA ILE C 86 10.94 -16.88 -14.98
C ILE C 86 12.24 -17.51 -14.43
N GLU C 87 12.51 -18.75 -14.80
CA GLU C 87 13.72 -19.40 -14.35
C GLU C 87 14.96 -18.71 -14.92
N VAL C 88 15.95 -18.42 -14.08
CA VAL C 88 17.16 -17.77 -14.55
C VAL C 88 17.95 -18.67 -15.56
N ARG C 89 17.77 -19.98 -15.48
CA ARG C 89 18.48 -20.83 -16.43
C ARG C 89 17.89 -20.68 -17.84
N LYS C 90 16.66 -20.17 -17.92
CA LYS C 90 15.97 -20.03 -19.20
C LYS C 90 16.07 -18.61 -19.78
N LEU C 91 16.95 -17.78 -19.23
CA LEU C 91 17.08 -16.39 -19.69
C LEU C 91 18.00 -16.23 -20.89
N ASP C 92 17.41 -16.12 -22.07
CA ASP C 92 18.16 -15.76 -23.27
C ASP C 92 17.52 -14.56 -23.96
N GLU C 93 18.15 -14.08 -25.02
CA GLU C 93 17.74 -12.84 -25.68
C GLU C 93 16.29 -12.90 -26.12
N SER C 94 15.85 -14.11 -26.49
CA SER C 94 14.48 -14.37 -26.89
C SER C 94 13.45 -14.17 -25.78
N THR C 95 13.68 -14.80 -24.63
CA THR C 95 12.72 -14.77 -23.53
C THR C 95 12.74 -13.46 -22.77
N ILE C 96 13.86 -12.75 -22.82
CA ILE C 96 13.98 -11.46 -22.14
C ILE C 96 13.11 -10.42 -22.84
N ASP C 97 13.10 -10.45 -24.17
CA ASP C 97 12.27 -9.53 -24.95
C ASP C 97 10.77 -9.78 -24.74
N ALA C 98 10.40 -11.02 -24.50
CA ALA C 98 9.00 -11.39 -24.26
C ALA C 98 8.50 -10.95 -22.88
N LEU C 99 9.42 -10.58 -21.99
CA LEU C 99 9.06 -10.15 -20.65
C LEU C 99 8.29 -8.84 -20.65
N GLN C 100 7.28 -8.73 -19.82
CA GLN C 100 6.54 -7.48 -19.72
C GLN C 100 7.17 -6.54 -18.69
N ILE C 101 8.40 -6.12 -19.00
CA ILE C 101 9.15 -5.20 -18.17
C ILE C 101 9.60 -4.03 -19.07
N SER C 102 10.14 -2.99 -18.45
CA SER C 102 10.58 -1.80 -19.20
C SER C 102 11.69 -2.14 -20.19
N ASP C 103 11.90 -1.27 -21.17
CA ASP C 103 12.94 -1.45 -22.17
C ASP C 103 14.31 -1.31 -21.52
N ARG C 104 14.36 -0.57 -20.43
CA ARG C 104 15.58 -0.43 -19.64
C ARG C 104 15.97 -1.73 -18.95
N GLY C 105 14.98 -2.38 -18.34
CA GLY C 105 15.19 -3.66 -17.70
C GLY C 105 15.62 -4.77 -18.62
N LYS C 106 15.11 -4.76 -19.85
CA LYS C 106 15.41 -5.80 -20.82
C LYS C 106 16.86 -5.81 -21.26
N GLU C 107 17.39 -4.62 -21.51
CA GLU C 107 18.76 -4.48 -21.99
C GLU C 107 19.74 -4.79 -20.86
N ILE C 108 19.32 -4.55 -19.63
CA ILE C 108 20.15 -4.86 -18.46
C ILE C 108 20.30 -6.37 -18.22
N TRP C 109 19.23 -7.12 -18.41
CA TRP C 109 19.24 -8.55 -18.10
C TRP C 109 19.83 -9.36 -19.24
N LYS C 110 19.83 -8.81 -20.43
CA LYS C 110 20.55 -9.42 -21.54
C LYS C 110 22.04 -9.40 -21.22
N GLU C 111 22.48 -8.38 -20.48
CA GLU C 111 23.86 -8.29 -20.04
C GLU C 111 24.16 -9.17 -18.83
N LEU C 112 23.22 -9.23 -17.89
CA LEU C 112 23.40 -10.04 -16.70
C LEU C 112 23.38 -11.53 -17.01
N SER C 113 22.52 -11.93 -17.95
CA SER C 113 22.32 -13.33 -18.30
C SER C 113 23.61 -14.03 -18.66
N LYS C 114 24.54 -13.29 -19.28
CA LYS C 114 25.78 -13.87 -19.77
C LYS C 114 26.57 -14.58 -18.65
N ASP C 115 26.43 -14.10 -17.42
CA ASP C 115 27.08 -14.72 -16.28
C ASP C 115 26.11 -15.57 -15.47
N LEU C 116 24.90 -15.05 -15.25
CA LEU C 116 23.92 -15.70 -14.38
C LEU C 116 23.23 -16.93 -15.00
N GLN C 117 22.90 -16.86 -16.29
CA GLN C 117 22.22 -17.99 -16.92
C GLN C 117 23.05 -19.28 -16.88
N PRO C 118 24.36 -19.22 -17.19
CA PRO C 118 25.14 -20.47 -17.05
C PRO C 118 25.19 -20.93 -15.61
N LEU C 119 25.27 -19.99 -14.67
CA LEU C 119 25.34 -20.32 -13.25
C LEU C 119 24.10 -21.09 -12.78
N ALA C 120 22.91 -20.59 -13.11
CA ALA C 120 21.67 -21.26 -12.75
C ALA C 120 21.52 -22.59 -13.50
N LYS C 121 21.95 -22.62 -14.76
CA LYS C 121 21.89 -23.86 -15.54
C LYS C 121 22.75 -24.95 -14.86
N LYS C 122 23.97 -24.60 -14.46
CA LYS C 122 24.83 -25.60 -13.85
C LYS C 122 24.23 -26.09 -12.54
N PHE C 123 23.68 -25.17 -11.76
CA PHE C 123 23.09 -25.54 -10.48
C PHE C 123 21.83 -26.40 -10.67
N TRP C 124 21.00 -26.07 -11.65
CA TRP C 124 19.80 -26.87 -11.93
C TRP C 124 20.18 -28.28 -12.42
N GLU C 125 21.20 -28.35 -13.26
CA GLU C 125 21.68 -29.63 -13.76
C GLU C 125 22.04 -30.52 -12.57
N GLU C 126 22.71 -29.91 -11.60
CA GLU C 126 23.20 -30.66 -10.45
C GLU C 126 22.12 -31.10 -9.48
N THR C 127 21.06 -30.32 -9.34
CA THR C 127 20.14 -30.51 -8.22
C THR C 127 18.67 -30.61 -8.60
N GLY C 128 18.31 -30.11 -9.77
CA GLY C 128 16.91 -29.96 -10.14
C GLY C 128 16.25 -28.68 -9.57
N ILE C 129 17.00 -27.88 -8.82
CA ILE C 129 16.46 -26.64 -8.19
C ILE C 129 16.50 -25.44 -9.14
N GLU C 130 15.35 -24.82 -9.33
CA GLU C 130 15.26 -23.63 -10.14
C GLU C 130 15.64 -22.40 -9.32
N ILE C 131 16.25 -21.44 -10.01
CA ILE C 131 16.49 -20.12 -9.47
C ILE C 131 15.53 -19.18 -10.21
N ILE C 132 14.56 -18.62 -9.49
CA ILE C 132 13.56 -17.79 -10.17
C ILE C 132 13.54 -16.32 -9.75
N ALA C 133 13.32 -15.49 -10.76
CA ALA C 133 13.19 -14.06 -10.59
C ALA C 133 11.74 -13.74 -10.30
N ILE C 134 11.41 -13.69 -9.01
CA ILE C 134 10.03 -13.50 -8.59
C ILE C 134 9.79 -12.11 -7.98
N GLY C 135 10.81 -11.60 -7.26
CA GLY C 135 10.77 -10.26 -6.72
C GLY C 135 9.66 -9.97 -5.71
N LYS C 136 8.86 -8.95 -6.02
CA LYS C 136 7.88 -8.32 -5.10
C LYS C 136 6.83 -9.27 -4.52
N SER C 137 6.56 -10.35 -5.23
CA SER C 137 5.56 -11.35 -4.87
C SER C 137 6.01 -12.31 -3.77
N SER C 138 7.32 -12.45 -3.60
CA SER C 138 7.85 -13.47 -2.70
C SER C 138 7.98 -12.98 -1.24
N VAL C 139 7.33 -13.70 -0.33
CA VAL C 139 7.50 -13.47 1.08
C VAL C 139 8.95 -13.81 1.49
N PRO C 140 9.50 -14.96 1.05
CA PRO C 140 10.92 -15.15 1.36
C PRO C 140 11.85 -14.02 0.90
N VAL C 141 11.64 -13.43 -0.25
CA VAL C 141 12.48 -12.29 -0.62
C VAL C 141 12.30 -11.12 0.40
N ARG C 142 11.08 -10.92 0.88
CA ARG C 142 10.83 -9.82 1.83
C ARG C 142 11.52 -10.09 3.18
N ILE C 143 11.55 -11.35 3.57
CA ILE C 143 12.23 -11.75 4.78
C ILE C 143 13.74 -11.56 4.61
N ALA C 144 14.27 -11.83 3.42
CA ALA C 144 15.68 -11.56 3.20
C ALA C 144 15.99 -10.08 3.33
N GLU C 145 15.11 -9.26 2.79
CA GLU C 145 15.23 -7.83 2.84
C GLU C 145 15.24 -7.30 4.29
N ILE C 146 14.36 -7.85 5.13
CA ILE C 146 14.31 -7.52 6.52
C ILE C 146 15.65 -7.87 7.17
N TYR C 147 16.18 -9.06 6.87
CA TYR C 147 17.47 -9.46 7.41
C TYR C 147 18.56 -8.54 6.89
N ALA C 148 18.47 -8.12 5.64
CA ALA C 148 19.44 -7.16 5.11
C ALA C 148 19.45 -5.88 5.96
N GLY C 149 18.26 -5.47 6.39
CA GLY C 149 18.12 -4.33 7.27
C GLY C 149 18.81 -4.53 8.60
N ILE C 150 18.51 -5.65 9.25
CA ILE C 150 19.06 -6.02 10.53
C ILE C 150 20.57 -6.08 10.47
N PHE C 151 21.10 -6.76 9.47
CA PHE C 151 22.55 -6.90 9.32
C PHE C 151 23.23 -5.60 8.96
N SER C 152 22.50 -4.72 8.32
CA SER C 152 22.99 -3.38 8.01
C SER C 152 23.17 -2.58 9.31
N VAL C 153 22.24 -2.75 10.24
CA VAL C 153 22.36 -2.09 11.53
C VAL C 153 23.48 -2.73 12.35
N LYS C 154 23.63 -4.06 12.27
CA LYS C 154 24.73 -4.72 12.97
C LYS C 154 26.07 -4.18 12.47
N TRP C 155 26.19 -4.08 11.16
CA TRP C 155 27.39 -3.49 10.56
C TRP C 155 27.69 -2.08 11.09
N ALA C 156 26.65 -1.25 11.20
CA ALA C 156 26.82 0.14 11.65
C ALA C 156 27.30 0.15 13.08
N LEU C 157 26.69 -0.69 13.90
CA LEU C 157 27.08 -0.82 15.29
C LEU C 157 28.54 -1.26 15.39
N ASP C 158 28.97 -2.12 14.49
CA ASP C 158 30.33 -2.65 14.54
C ASP C 158 31.37 -1.72 13.90
N ASN C 159 30.92 -0.73 13.12
CA ASN C 159 31.85 0.13 12.39
C ASN C 159 31.75 1.61 12.75
N VAL C 160 30.91 1.94 13.72
CA VAL C 160 30.74 3.35 14.10
C VAL C 160 31.93 3.81 14.95
N GLY C 164 32.39 8.30 14.46
CA GLY C 164 31.73 9.18 15.40
C GLY C 164 30.26 9.41 15.07
N GLY C 165 29.77 8.75 14.02
CA GLY C 165 28.39 8.91 13.61
C GLY C 165 28.05 8.23 12.30
N LEU C 166 26.90 7.55 12.25
CA LEU C 166 26.44 6.85 11.07
C LEU C 166 24.94 6.94 10.88
N LEU C 167 24.53 7.14 9.63
CA LEU C 167 23.14 7.08 9.22
C LEU C 167 22.89 5.84 8.35
N VAL C 168 22.01 4.95 8.79
CA VAL C 168 21.65 3.83 7.95
C VAL C 168 20.23 3.97 7.37
N GLY C 169 20.12 3.96 6.05
CA GLY C 169 18.81 3.93 5.42
C GLY C 169 18.33 2.50 5.36
N LEU C 170 17.26 2.18 6.06
CA LEU C 170 16.78 0.80 6.10
C LEU C 170 16.01 0.48 4.82
N PRO C 171 15.82 -0.82 4.54
CA PRO C 171 14.88 -1.20 3.48
C PRO C 171 13.48 -0.70 3.78
N ARG C 172 12.57 -0.77 2.81
CA ARG C 172 11.26 -0.14 2.93
C ARG C 172 10.43 -0.63 4.09
N TYR C 173 9.79 0.34 4.74
CA TYR C 173 8.88 0.18 5.87
C TYR C 173 9.17 -1.01 6.77
N MET C 174 10.33 -0.96 7.40
CA MET C 174 10.67 -1.85 8.49
C MET C 174 11.32 -1.02 9.59
N GLU C 175 11.25 -1.56 10.80
CA GLU C 175 11.85 -1.00 12.00
C GLU C 175 12.83 -2.00 12.59
N VAL C 176 13.75 -1.52 13.42
CA VAL C 176 14.64 -2.38 14.17
C VAL C 176 14.55 -2.05 15.66
N GLU C 177 14.77 -3.08 16.49
CA GLU C 177 14.77 -2.93 17.92
C GLU C 177 16.12 -3.43 18.43
N ILE C 178 16.76 -2.65 19.27
CA ILE C 178 18.04 -3.06 19.83
C ILE C 178 17.75 -3.68 21.18
N LYS C 179 18.29 -4.86 21.40
CA LYS C 179 18.23 -5.51 22.70
C LYS C 179 19.65 -5.77 23.15
N LYS C 180 19.80 -6.27 24.37
CA LYS C 180 21.09 -6.40 25.04
C LYS C 180 22.10 -7.27 24.24
N ASP C 181 21.59 -8.31 23.57
CA ASP C 181 22.44 -9.28 22.88
C ASP C 181 21.96 -9.60 21.46
N LYS C 182 21.04 -8.80 20.95
CA LYS C 182 20.49 -9.06 19.62
C LYS C 182 19.80 -7.85 19.04
N ILE C 183 19.62 -7.92 17.72
CA ILE C 183 18.85 -6.99 16.94
C ILE C 183 17.64 -7.69 16.34
N ILE C 184 16.48 -7.09 16.52
CA ILE C 184 15.23 -7.56 15.96
C ILE C 184 14.76 -6.64 14.85
N GLY C 185 14.31 -7.24 13.74
CA GLY C 185 13.75 -6.47 12.64
C GLY C 185 12.32 -6.91 12.43
N LYS C 186 11.44 -5.96 12.13
CA LYS C 186 10.02 -6.24 11.90
C LYS C 186 9.51 -5.43 10.71
N SER C 187 8.65 -6.02 9.90
CA SER C 187 7.96 -5.24 8.88
C SER C 187 7.03 -4.29 9.57
N LEU C 188 6.91 -3.08 9.04
CA LEU C 188 5.92 -2.14 9.59
C LEU C 188 4.55 -2.33 8.95
N ASP C 189 4.48 -3.18 7.93
CA ASP C 189 3.21 -3.38 7.21
C ASP C 189 2.45 -4.56 7.78
N PRO C 190 1.39 -4.32 8.52
CA PRO C 190 0.67 -5.48 9.04
C PRO C 190 -0.04 -6.31 7.95
N ARG C 191 -0.23 -5.75 6.75
CA ARG C 191 -0.80 -6.55 5.67
C ARG C 191 0.07 -7.78 5.31
N GLU C 192 1.36 -7.74 5.66
CA GLU C 192 2.29 -8.82 5.31
C GLU C 192 2.20 -9.99 6.27
N GLY C 193 1.49 -9.77 7.37
CA GLY C 193 1.14 -10.87 8.25
C GLY C 193 2.16 -11.18 9.34
N GLY C 194 3.04 -10.22 9.66
CA GLY C 194 3.92 -10.33 10.81
C GLY C 194 5.30 -10.90 10.51
N LEU C 195 5.96 -10.36 9.49
CA LEU C 195 7.28 -10.82 9.05
C LEU C 195 8.36 -10.20 9.92
N TYR C 196 9.34 -11.00 10.36
CA TYR C 196 10.36 -10.48 11.30
C TYR C 196 11.67 -11.23 11.23
N GLY C 197 12.70 -10.65 11.86
CA GLY C 197 13.99 -11.32 11.93
C GLY C 197 14.70 -11.01 13.23
N GLU C 198 15.72 -11.79 13.53
CA GLU C 198 16.47 -11.65 14.76
C GLU C 198 17.89 -12.16 14.50
N VAL C 199 18.86 -11.32 14.83
CA VAL C 199 20.28 -11.58 14.65
C VAL C 199 21.00 -11.27 15.96
N LYS C 200 21.84 -12.20 16.38
CA LYS C 200 22.67 -12.04 17.58
C LYS C 200 23.82 -11.07 17.38
N THR C 201 24.07 -10.20 18.36
CA THR C 201 25.23 -9.32 18.29
C THR C 201 25.57 -8.70 19.66
N GLU C 202 26.81 -8.25 19.82
CA GLU C 202 27.13 -7.49 21.02
C GLU C 202 26.90 -6.01 20.74
N VAL C 203 26.15 -5.34 21.60
CA VAL C 203 25.91 -3.93 21.38
C VAL C 203 27.01 -3.14 22.06
N PRO C 204 27.77 -2.38 21.27
CA PRO C 204 28.86 -1.60 21.88
C PRO C 204 28.35 -0.54 22.86
N GLN C 205 29.27 -0.05 23.68
CA GLN C 205 28.96 0.98 24.66
C GLN C 205 29.37 2.33 24.10
N GLY C 206 28.91 3.40 24.75
CA GLY C 206 29.31 4.74 24.40
C GLY C 206 28.65 5.28 23.13
N ILE C 207 27.58 4.64 22.68
CA ILE C 207 26.83 5.14 21.51
C ILE C 207 25.33 5.22 21.79
N LYS C 208 24.68 6.17 21.12
CA LYS C 208 23.23 6.29 21.16
C LYS C 208 22.67 6.10 19.78
N TRP C 209 21.39 5.74 19.74
CA TRP C 209 20.70 5.50 18.49
C TRP C 209 19.25 6.04 18.49
N GLU C 210 18.73 6.30 17.29
CA GLU C 210 17.33 6.69 17.12
C GLU C 210 16.84 6.16 15.77
N LEU C 211 15.53 5.86 15.71
CA LEU C 211 14.87 5.44 14.49
C LEU C 211 13.77 6.47 14.14
N TYR C 212 13.81 7.00 12.92
CA TYR C 212 12.83 8.03 12.52
C TYR C 212 12.66 8.03 11.00
N PRO C 213 11.58 8.65 10.50
CA PRO C 213 11.35 8.66 9.05
C PRO C 213 12.42 9.38 8.24
N ASN C 214 12.85 8.76 7.15
CA ASN C 214 13.60 9.47 6.12
C ASN C 214 12.70 10.54 5.51
N PRO C 215 13.04 11.83 5.68
CA PRO C 215 12.13 12.88 5.20
C PRO C 215 12.03 12.94 3.67
N LEU C 216 13.01 12.43 2.95
CA LEU C 216 13.03 12.56 1.49
C LEU C 216 12.51 11.31 0.79
N VAL C 217 12.36 10.22 1.53
CA VAL C 217 11.87 8.97 0.98
C VAL C 217 10.82 8.36 1.88
N ARG C 218 9.58 8.78 1.65
CA ARG C 218 8.43 8.37 2.46
C ARG C 218 8.32 6.84 2.58
N ARG C 219 7.99 6.37 3.78
CA ARG C 219 7.86 4.97 4.18
C ARG C 219 9.18 4.21 4.32
N PHE C 220 10.31 4.90 4.22
CA PHE C 220 11.60 4.31 4.58
C PHE C 220 12.10 4.97 5.87
N MET C 221 12.61 4.17 6.82
CA MET C 221 13.11 4.70 8.08
C MET C 221 14.62 4.87 8.03
N VAL C 222 15.13 5.75 8.88
CA VAL C 222 16.57 5.94 9.05
C VAL C 222 16.96 5.44 10.45
N PHE C 223 18.04 4.66 10.53
CA PHE C 223 18.59 4.31 11.83
C PHE C 223 19.87 5.10 12.02
N GLU C 224 19.88 5.97 13.02
CA GLU C 224 21.00 6.87 13.21
C GLU C 224 21.76 6.57 14.49
N ILE C 225 23.09 6.52 14.39
CA ILE C 225 23.94 6.24 15.56
C ILE C 225 24.84 7.42 15.80
N THR C 226 24.92 7.87 17.05
CA THR C 226 25.78 8.97 17.41
C THR C 226 26.68 8.56 18.58
N SER C 227 27.90 9.06 18.59
CA SER C 227 28.78 8.79 19.72
C SER C 227 28.45 9.75 20.88
N LYS C 228 28.59 9.23 22.09
CA LYS C 228 28.46 10.03 23.30
C LYS C 228 29.68 10.92 23.55
N SER C 229 30.77 10.65 22.85
CA SER C 229 31.96 11.51 22.92
C SER C 229 31.95 12.56 21.81
N MET E 1 18.00 18.47 9.01
CA MET E 1 17.49 19.18 7.85
C MET E 1 16.24 19.93 8.28
N ARG E 2 16.02 21.11 7.73
CA ARG E 2 14.82 21.89 8.04
C ARG E 2 14.04 22.15 6.75
N ILE E 3 12.79 21.71 6.73
CA ILE E 3 12.00 21.72 5.51
C ILE E 3 10.66 22.42 5.70
N VAL E 4 10.31 23.28 4.75
CA VAL E 4 8.96 23.83 4.71
C VAL E 4 8.21 23.17 3.56
N ALA E 5 7.03 22.62 3.85
CA ALA E 5 6.20 22.02 2.82
C ALA E 5 4.78 22.52 2.92
N ALA E 6 3.99 22.36 1.86
CA ALA E 6 2.61 22.79 1.90
C ALA E 6 1.67 21.83 1.16
N ASP E 7 0.42 21.81 1.61
CA ASP E 7 -0.62 21.02 0.95
C ASP E 7 -2.02 21.56 1.21
N THR E 8 -2.90 21.37 0.23
CA THR E 8 -4.32 21.66 0.37
C THR E 8 -5.10 20.36 0.46
N GLY E 9 -6.03 20.28 1.40
CA GLY E 9 -6.79 19.05 1.57
C GLY E 9 -7.99 19.20 2.49
N GLY E 10 -8.79 18.16 2.58
CA GLY E 10 -10.03 18.21 3.32
C GLY E 10 -11.10 18.79 2.40
N ALA E 11 -12.24 18.12 2.28
CA ALA E 11 -13.32 18.61 1.40
C ALA E 11 -14.67 18.54 2.08
N VAL E 12 -15.54 19.52 1.80
CA VAL E 12 -16.94 19.40 2.18
C VAL E 12 -17.58 18.40 1.22
N LEU E 13 -18.33 17.43 1.75
CA LEU E 13 -19.05 16.44 0.93
C LEU E 13 -20.58 16.66 1.00
N ASP E 14 -21.31 16.30 -0.07
CA ASP E 14 -22.77 16.31 -0.01
C ASP E 14 -23.29 14.99 0.57
N GLU E 15 -24.61 14.81 0.61
CA GLU E 15 -25.18 13.62 1.26
C GLU E 15 -24.84 12.31 0.56
N SER E 16 -24.40 12.36 -0.69
CA SER E 16 -23.97 11.15 -1.36
C SER E 16 -22.42 11.07 -1.47
N PHE E 17 -21.75 11.73 -0.53
CA PHE E 17 -20.30 11.71 -0.32
C PHE E 17 -19.50 12.29 -1.49
N GLN E 18 -20.14 13.12 -2.29
CA GLN E 18 -19.45 13.78 -3.39
C GLN E 18 -18.84 15.09 -2.94
N PRO E 19 -17.55 15.31 -3.26
CA PRO E 19 -16.85 16.53 -2.83
C PRO E 19 -17.46 17.80 -3.44
N VAL E 20 -17.67 18.81 -2.59
CA VAL E 20 -18.23 20.08 -3.00
C VAL E 20 -17.10 21.11 -3.26
N GLY E 21 -16.09 21.09 -2.41
CA GLY E 21 -14.96 21.99 -2.52
C GLY E 21 -13.94 21.67 -1.44
N LEU E 22 -12.71 22.16 -1.62
CA LEU E 22 -11.64 21.90 -0.65
C LEU E 22 -11.62 23.00 0.40
N ILE E 23 -10.96 22.75 1.52
CA ILE E 23 -11.10 23.61 2.69
C ILE E 23 -9.81 24.31 3.11
N ALA E 24 -8.80 23.53 3.47
CA ALA E 24 -7.62 24.10 4.16
C ALA E 24 -6.34 23.98 3.35
N THR E 25 -5.61 25.08 3.25
CA THR E 25 -4.24 25.03 2.75
C THR E 25 -3.29 25.27 3.91
N VAL E 26 -2.34 24.35 4.10
CA VAL E 26 -1.44 24.43 5.25
C VAL E 26 0.02 24.37 4.82
N ALA E 27 0.83 25.25 5.41
CA ALA E 27 2.29 25.18 5.29
C ALA E 27 2.88 24.81 6.65
N VAL E 28 3.81 23.86 6.66
CA VAL E 28 4.42 23.42 7.91
C VAL E 28 5.93 23.52 7.87
N LEU E 29 6.54 23.71 9.04
CA LEU E 29 7.98 23.56 9.20
C LEU E 29 8.21 22.20 9.83
N VAL E 30 9.02 21.37 9.18
CA VAL E 30 9.29 20.05 9.70
C VAL E 30 10.77 19.93 9.98
N GLU E 31 11.09 19.44 11.17
CA GLU E 31 12.47 19.22 11.57
C GLU E 31 12.63 17.83 12.17
N LYS E 32 13.87 17.42 12.40
CA LYS E 32 14.15 16.11 13.01
C LYS E 32 13.33 15.96 14.28
N PRO E 33 12.75 14.77 14.53
CA PRO E 33 12.81 13.49 13.83
C PRO E 33 11.73 13.32 12.74
N TYR E 34 11.24 14.42 12.16
CA TYR E 34 10.41 14.39 10.95
C TYR E 34 9.09 13.64 11.12
N LYS E 35 8.48 13.72 12.28
CA LYS E 35 7.21 13.03 12.50
C LYS E 35 6.01 13.99 12.58
N THR E 36 6.28 15.24 12.94
CA THR E 36 5.21 16.22 13.09
C THR E 36 5.72 17.61 12.78
N SER E 37 4.89 18.61 13.04
CA SER E 37 5.32 19.99 12.89
C SER E 37 4.82 20.78 14.09
N LYS E 38 5.64 21.72 14.56
CA LYS E 38 5.24 22.59 15.68
C LYS E 38 5.03 24.02 15.20
N ARG E 39 5.36 24.27 13.93
CA ARG E 39 5.26 25.62 13.40
C ARG E 39 4.64 25.57 12.01
N PHE E 40 3.48 26.18 11.85
CA PHE E 40 2.71 26.04 10.63
C PHE E 40 1.75 27.21 10.41
N LEU E 41 1.27 27.36 9.17
CA LEU E 41 0.26 28.35 8.78
C LEU E 41 -0.94 27.69 8.13
N VAL E 42 -2.11 28.32 8.25
CA VAL E 42 -3.29 27.79 7.57
C VAL E 42 -4.00 28.88 6.77
N LYS E 43 -4.50 28.50 5.61
CA LYS E 43 -5.37 29.34 4.82
C LYS E 43 -6.65 28.62 4.47
N TYR E 44 -7.79 29.22 4.80
CA TYR E 44 -9.07 28.62 4.45
C TYR E 44 -9.60 29.10 3.11
N ALA E 45 -10.11 28.16 2.34
CA ALA E 45 -10.80 28.48 1.10
C ALA E 45 -12.28 28.58 1.38
N ASP E 46 -13.05 28.94 0.36
CA ASP E 46 -14.50 28.84 0.46
C ASP E 46 -14.92 27.61 -0.33
N PRO E 47 -15.22 26.51 0.38
CA PRO E 47 -15.52 25.23 -0.26
C PRO E 47 -16.83 25.29 -1.05
N TYR E 48 -17.68 26.28 -0.76
CA TYR E 48 -18.94 26.41 -1.47
C TYR E 48 -18.82 27.26 -2.73
N ASN E 49 -17.64 27.85 -2.94
CA ASN E 49 -17.36 28.55 -4.19
C ASN E 49 -15.98 28.17 -4.69
N TYR E 50 -15.80 26.88 -4.97
CA TYR E 50 -14.50 26.32 -5.28
C TYR E 50 -14.56 25.58 -6.60
N ASP E 51 -13.51 25.71 -7.42
CA ASP E 51 -13.41 24.92 -8.65
C ASP E 51 -12.39 23.82 -8.48
N LEU E 52 -12.89 22.59 -8.30
CA LEU E 52 -12.05 21.44 -7.99
C LEU E 52 -11.07 21.12 -9.12
N SER E 53 -11.42 21.53 -10.32
CA SER E 53 -10.54 21.41 -11.48
C SER E 53 -9.97 22.77 -11.85
N GLY E 54 -9.48 23.52 -10.86
CA GLY E 54 -9.15 24.92 -11.07
C GLY E 54 -7.74 25.25 -10.62
N ARG E 55 -7.20 24.43 -9.72
CA ARG E 55 -5.78 24.46 -9.39
C ARG E 55 -5.31 25.78 -8.81
N GLN E 56 -6.19 26.40 -8.03
CA GLN E 56 -5.81 27.48 -7.15
C GLN E 56 -5.09 26.85 -5.95
N ALA E 57 -5.32 25.55 -5.76
CA ALA E 57 -4.76 24.83 -4.63
C ALA E 57 -3.23 24.90 -4.65
N ILE E 58 -2.63 24.54 -5.78
CA ILE E 58 -1.17 24.52 -5.87
C ILE E 58 -0.62 25.95 -5.80
N ARG E 59 -1.39 26.91 -6.30
CA ARG E 59 -0.99 28.32 -6.22
C ARG E 59 -1.03 28.82 -4.78
N ASP E 60 -2.06 28.44 -4.05
CA ASP E 60 -2.19 28.76 -2.62
C ASP E 60 -1.02 28.16 -1.83
N GLU E 61 -0.68 26.93 -2.18
CA GLU E 61 0.35 26.18 -1.47
C GLU E 61 1.73 26.84 -1.54
N ILE E 62 2.17 27.19 -2.75
CA ILE E 62 3.50 27.77 -2.91
C ILE E 62 3.56 29.15 -2.25
N GLU E 63 2.49 29.92 -2.33
CA GLU E 63 2.46 31.23 -1.71
C GLU E 63 2.59 31.09 -0.19
N LEU E 64 1.81 30.17 0.38
CA LEU E 64 1.80 29.97 1.83
C LEU E 64 3.13 29.44 2.35
N ALA E 65 3.70 28.49 1.63
CA ALA E 65 4.99 27.91 1.96
C ALA E 65 6.08 28.99 1.93
N ILE E 66 6.04 29.84 0.91
CA ILE E 66 6.98 30.95 0.79
C ILE E 66 6.84 31.92 1.97
N GLU E 67 5.59 32.20 2.36
CA GLU E 67 5.33 33.07 3.50
C GLU E 67 5.95 32.51 4.77
N LEU E 68 5.79 31.21 4.98
CA LEU E 68 6.38 30.52 6.13
C LEU E 68 7.90 30.48 6.03
N ALA E 69 8.41 30.22 4.83
CA ALA E 69 9.84 30.13 4.60
C ALA E 69 10.57 31.42 4.94
N ARG E 70 9.97 32.56 4.58
CA ARG E 70 10.56 33.87 4.87
C ARG E 70 10.73 34.10 6.36
N GLU E 71 9.81 33.56 7.15
CA GLU E 71 9.84 33.66 8.61
C GLU E 71 10.84 32.71 9.31
N VAL E 72 10.93 31.46 8.85
CA VAL E 72 11.72 30.45 9.58
C VAL E 72 13.00 30.04 8.84
N SER E 73 13.15 30.50 7.60
CA SER E 73 14.35 30.26 6.81
C SER E 73 14.83 28.79 6.76
N PRO E 74 14.04 27.92 6.10
CA PRO E 74 14.35 26.50 5.99
C PRO E 74 15.48 26.25 4.99
N ASP E 75 15.87 24.98 4.83
CA ASP E 75 16.85 24.59 3.82
C ASP E 75 16.24 24.46 2.42
N VAL E 76 14.96 24.11 2.36
CA VAL E 76 14.29 23.82 1.10
C VAL E 76 12.76 23.89 1.26
N ILE E 77 12.04 24.11 0.17
CA ILE E 77 10.58 24.02 0.17
C ILE E 77 10.10 22.79 -0.63
N HIS E 78 9.19 22.01 -0.06
CA HIS E 78 8.58 20.88 -0.75
C HIS E 78 7.15 21.19 -1.20
N LEU E 79 6.88 21.09 -2.51
CA LEU E 79 5.55 21.33 -3.06
C LEU E 79 4.84 20.00 -3.36
N ASN E 80 3.54 19.92 -3.09
CA ASN E 80 2.86 18.66 -3.27
C ASN E 80 2.46 18.42 -4.73
N SER E 81 3.45 18.03 -5.51
CA SER E 81 3.26 17.62 -6.89
C SER E 81 4.43 16.72 -7.25
N THR E 82 4.13 15.49 -7.67
CA THR E 82 5.15 14.48 -7.86
C THR E 82 5.81 14.59 -9.23
N LEU E 83 6.88 15.39 -9.29
CA LEU E 83 7.59 15.64 -10.54
C LEU E 83 9.07 15.20 -10.48
N GLY E 84 9.42 14.45 -9.43
CA GLY E 84 10.75 13.87 -9.33
C GLY E 84 11.79 14.74 -8.64
N GLY E 85 11.33 15.85 -8.07
CA GLY E 85 12.20 16.72 -7.29
C GLY E 85 12.86 17.81 -8.11
N ILE E 86 12.31 18.07 -9.29
CA ILE E 86 12.86 19.11 -10.16
C ILE E 86 12.51 20.49 -9.60
N GLU E 87 13.47 21.41 -9.65
CA GLU E 87 13.28 22.77 -9.14
C GLU E 87 12.21 23.51 -9.93
N VAL E 88 11.30 24.18 -9.21
CA VAL E 88 10.22 24.93 -9.86
C VAL E 88 10.79 26.12 -10.65
N ARG E 89 11.94 26.62 -10.21
CA ARG E 89 12.59 27.73 -10.91
C ARG E 89 13.17 27.30 -12.25
N LYS E 90 13.41 26.01 -12.42
CA LYS E 90 13.97 25.49 -13.66
C LYS E 90 12.90 24.87 -14.56
N LEU E 91 11.64 25.13 -14.23
CA LEU E 91 10.53 24.56 -14.99
C LEU E 91 10.11 25.40 -16.19
N ASP E 92 10.56 24.99 -17.36
CA ASP E 92 10.05 25.56 -18.61
C ASP E 92 9.58 24.42 -19.49
N GLU E 93 8.97 24.76 -20.63
CA GLU E 93 8.37 23.76 -21.50
C GLU E 93 9.39 22.72 -21.99
N SER E 94 10.65 23.12 -22.09
CA SER E 94 11.72 22.20 -22.50
C SER E 94 11.89 21.08 -21.49
N THR E 95 12.04 21.44 -20.22
CA THR E 95 12.27 20.46 -19.16
C THR E 95 10.97 19.73 -18.80
N ILE E 96 9.84 20.39 -19.09
CA ILE E 96 8.51 19.79 -18.86
C ILE E 96 8.25 18.61 -19.80
N ASP E 97 8.68 18.74 -21.06
CA ASP E 97 8.48 17.68 -22.04
C ASP E 97 9.24 16.43 -21.63
N ALA E 98 10.42 16.63 -21.04
CA ALA E 98 11.28 15.54 -20.63
C ALA E 98 10.81 14.83 -19.36
N LEU E 99 9.92 15.45 -18.60
CA LEU E 99 9.43 14.82 -17.37
C LEU E 99 8.63 13.58 -17.70
N GLN E 100 8.82 12.54 -16.89
CA GLN E 100 8.16 11.25 -17.09
C GLN E 100 6.77 11.22 -16.48
N ILE E 101 5.89 12.10 -16.95
CA ILE E 101 4.52 12.18 -16.44
C ILE E 101 3.51 12.16 -17.59
N SER E 102 2.24 11.99 -17.26
CA SER E 102 1.19 11.92 -18.28
C SER E 102 1.08 13.24 -19.04
N ASP E 103 0.48 13.18 -20.23
CA ASP E 103 0.35 14.36 -21.07
C ASP E 103 -0.62 15.37 -20.46
N ARG E 104 -1.58 14.87 -19.67
CA ARG E 104 -2.50 15.74 -18.96
C ARG E 104 -1.72 16.52 -17.92
N GLY E 105 -0.84 15.82 -17.22
CA GLY E 105 0.05 16.44 -16.26
C GLY E 105 0.98 17.44 -16.92
N LYS E 106 1.41 17.12 -18.13
CA LYS E 106 2.29 18.01 -18.90
C LYS E 106 1.60 19.31 -19.28
N GLU E 107 0.34 19.21 -19.72
CA GLU E 107 -0.39 20.40 -20.14
C GLU E 107 -0.78 21.27 -18.95
N ILE E 108 -0.93 20.66 -17.78
CA ILE E 108 -1.24 21.38 -16.55
C ILE E 108 -0.07 22.28 -16.13
N TRP E 109 1.15 21.78 -16.26
CA TRP E 109 2.33 22.48 -15.77
C TRP E 109 2.88 23.47 -16.80
N LYS E 110 2.53 23.26 -18.07
CA LYS E 110 2.83 24.24 -19.11
C LYS E 110 2.07 25.52 -18.81
N GLU E 111 0.89 25.36 -18.23
CA GLU E 111 0.04 26.47 -17.84
C GLU E 111 0.51 27.10 -16.53
N LEU E 112 0.89 26.24 -15.59
CA LEU E 112 1.35 26.68 -14.27
C LEU E 112 2.69 27.41 -14.25
N SER E 113 3.64 26.93 -15.05
CA SER E 113 4.99 27.49 -15.08
C SER E 113 4.97 29.00 -15.34
N LYS E 114 3.96 29.45 -16.08
CA LYS E 114 3.83 30.82 -16.51
C LYS E 114 3.87 31.78 -15.33
N ASP E 115 3.30 31.36 -14.20
CA ASP E 115 3.27 32.18 -12.99
C ASP E 115 4.26 31.74 -11.91
N LEU E 116 4.34 30.43 -11.68
CA LEU E 116 5.11 29.89 -10.55
C LEU E 116 6.61 29.92 -10.77
N GLN E 117 7.06 29.63 -11.99
CA GLN E 117 8.49 29.61 -12.28
C GLN E 117 9.17 30.97 -12.04
N PRO E 118 8.54 32.09 -12.47
CA PRO E 118 9.18 33.35 -12.10
C PRO E 118 9.21 33.56 -10.59
N LEU E 119 8.15 33.15 -9.90
CA LEU E 119 8.06 33.29 -8.45
C LEU E 119 9.19 32.50 -7.76
N ALA E 120 9.37 31.26 -8.18
CA ALA E 120 10.44 30.43 -7.62
C ALA E 120 11.82 31.01 -7.96
N LYS E 121 11.95 31.56 -9.17
CA LYS E 121 13.20 32.19 -9.57
C LYS E 121 13.51 33.37 -8.65
N LYS E 122 12.50 34.21 -8.45
CA LYS E 122 12.63 35.40 -7.61
C LYS E 122 12.92 35.02 -6.17
N PHE E 123 12.24 33.98 -5.68
CA PHE E 123 12.42 33.52 -4.31
C PHE E 123 13.82 32.91 -4.10
N TRP E 124 14.31 32.18 -5.10
CA TRP E 124 15.64 31.58 -5.01
C TRP E 124 16.72 32.66 -5.01
N GLU E 125 16.52 33.68 -5.83
CA GLU E 125 17.43 34.82 -5.91
C GLU E 125 17.59 35.53 -4.56
N GLU E 126 16.47 35.68 -3.85
CA GLU E 126 16.44 36.39 -2.57
C GLU E 126 17.07 35.61 -1.40
N THR E 127 16.92 34.29 -1.42
CA THR E 127 17.22 33.48 -0.23
C THR E 127 18.17 32.30 -0.49
N GLY E 128 18.28 31.87 -1.73
CA GLY E 128 19.03 30.67 -2.05
C GLY E 128 18.28 29.37 -1.81
N ILE E 129 17.04 29.47 -1.33
CA ILE E 129 16.23 28.30 -1.06
C ILE E 129 15.49 27.80 -2.31
N GLU E 130 15.66 26.52 -2.63
CA GLU E 130 14.96 25.93 -3.77
C GLU E 130 13.52 25.53 -3.43
N ILE E 131 12.64 25.65 -4.41
CA ILE E 131 11.29 25.09 -4.29
C ILE E 131 11.21 23.89 -5.22
N ILE E 132 11.09 22.69 -4.65
CA ILE E 132 11.12 21.48 -5.47
C ILE E 132 9.79 20.73 -5.42
N ALA E 133 9.37 20.24 -6.58
CA ALA E 133 8.13 19.48 -6.69
C ALA E 133 8.42 18.01 -6.42
N ILE E 134 8.25 17.60 -5.17
CA ILE E 134 8.59 16.25 -4.76
C ILE E 134 7.36 15.37 -4.50
N GLY E 135 6.31 15.95 -3.93
CA GLY E 135 5.05 15.23 -3.75
C GLY E 135 5.06 13.98 -2.88
N LYS E 136 4.62 12.87 -3.47
CA LYS E 136 4.38 11.62 -2.76
C LYS E 136 5.61 11.12 -2.02
N SER E 137 6.78 11.55 -2.47
CA SER E 137 8.04 11.12 -1.89
C SER E 137 8.34 11.82 -0.54
N SER E 138 7.74 12.99 -0.33
CA SER E 138 8.11 13.82 0.83
C SER E 138 7.34 13.51 2.10
N VAL E 139 8.05 13.26 3.19
CA VAL E 139 7.39 13.17 4.50
C VAL E 139 6.84 14.56 4.95
N PRO E 140 7.63 15.64 4.79
CA PRO E 140 7.03 16.95 5.12
C PRO E 140 5.71 17.23 4.40
N VAL E 141 5.63 16.85 3.13
CA VAL E 141 4.41 17.04 2.37
C VAL E 141 3.26 16.27 3.01
N ARG E 142 3.51 15.06 3.48
CA ARG E 142 2.47 14.25 4.11
C ARG E 142 2.06 14.86 5.48
N ILE E 143 3.01 15.44 6.18
CA ILE E 143 2.72 16.09 7.46
C ILE E 143 1.82 17.31 7.22
N ALA E 144 2.09 18.07 6.16
CA ALA E 144 1.20 19.17 5.78
C ALA E 144 -0.19 18.64 5.47
N GLU E 145 -0.25 17.55 4.70
CA GLU E 145 -1.53 16.96 4.32
C GLU E 145 -2.35 16.56 5.56
N ILE E 146 -1.68 15.92 6.52
CA ILE E 146 -2.30 15.60 7.80
C ILE E 146 -2.82 16.88 8.52
N TYR E 147 -2.03 17.94 8.49
CA TYR E 147 -2.45 19.20 9.08
C TYR E 147 -3.63 19.82 8.34
N ALA E 148 -3.64 19.67 7.02
CA ALA E 148 -4.77 20.15 6.23
C ALA E 148 -6.03 19.48 6.72
N GLY E 149 -5.93 18.18 6.99
CA GLY E 149 -7.05 17.43 7.53
C GLY E 149 -7.53 17.97 8.87
N ILE E 150 -6.59 18.18 9.80
CA ILE E 150 -6.90 18.70 11.13
C ILE E 150 -7.58 20.05 11.03
N PHE E 151 -7.00 20.93 10.21
CA PHE E 151 -7.56 22.26 10.04
C PHE E 151 -8.93 22.22 9.38
N SER E 152 -9.17 21.22 8.53
CA SER E 152 -10.49 21.07 7.91
C SER E 152 -11.53 20.75 8.97
N VAL E 153 -11.14 19.91 9.92
CA VAL E 153 -12.03 19.55 11.02
C VAL E 153 -12.28 20.77 11.93
N LYS E 154 -11.23 21.57 12.15
CA LYS E 154 -11.34 22.82 12.92
C LYS E 154 -12.35 23.73 12.23
N TRP E 155 -12.23 23.83 10.91
CA TRP E 155 -13.17 24.56 10.09
C TRP E 155 -14.58 24.04 10.31
N ALA E 156 -14.71 22.73 10.38
CA ALA E 156 -16.00 22.08 10.57
C ALA E 156 -16.57 22.48 11.94
N LEU E 157 -15.72 22.46 12.95
CA LEU E 157 -16.09 22.85 14.30
C LEU E 157 -16.54 24.31 14.37
N ASP E 158 -15.91 25.16 13.56
CA ASP E 158 -16.20 26.59 13.57
C ASP E 158 -17.43 26.98 12.74
N ASN E 159 -17.92 26.11 11.87
CA ASN E 159 -19.00 26.51 10.98
C ASN E 159 -20.27 25.67 11.11
N VAL E 160 -20.27 24.71 12.01
CA VAL E 160 -21.43 23.84 12.18
C VAL E 160 -22.52 24.56 12.97
N GLY E 164 -25.70 23.73 10.56
CA GLY E 164 -26.30 22.76 11.47
C GLY E 164 -25.87 21.30 11.26
N GLY E 165 -24.96 21.06 10.33
CA GLY E 165 -24.52 19.71 10.04
C GLY E 165 -23.58 19.67 8.85
N LEU E 166 -22.48 18.94 9.00
CA LEU E 166 -21.44 18.91 7.99
C LEU E 166 -20.78 17.53 7.82
N LEU E 167 -20.49 17.18 6.57
CA LEU E 167 -19.65 16.03 6.21
C LEU E 167 -18.33 16.51 5.61
N VAL E 168 -17.23 16.18 6.28
CA VAL E 168 -15.90 16.52 5.77
C VAL E 168 -15.11 15.26 5.36
N GLY E 169 -14.69 15.22 4.11
CA GLY E 169 -13.83 14.14 3.63
C GLY E 169 -12.39 14.47 3.94
N LEU E 170 -11.76 13.65 4.76
CA LEU E 170 -10.37 13.87 5.17
C LEU E 170 -9.43 13.44 4.06
N PRO E 171 -8.16 13.89 4.11
CA PRO E 171 -7.12 13.35 3.24
C PRO E 171 -6.89 11.85 3.46
N ARG E 172 -6.13 11.20 2.58
CA ARG E 172 -6.05 9.74 2.59
C ARG E 172 -5.57 9.12 3.90
N TYR E 173 -6.29 8.06 4.29
CA TYR E 173 -6.07 7.27 5.49
C TYR E 173 -5.42 8.04 6.64
N MET E 174 -6.19 8.96 7.20
CA MET E 174 -5.83 9.60 8.45
C MET E 174 -7.05 9.65 9.35
N GLU E 175 -6.83 9.74 10.65
CA GLU E 175 -7.91 9.81 11.60
C GLU E 175 -7.78 11.10 12.41
N VAL E 176 -8.87 11.55 12.99
CA VAL E 176 -8.82 12.67 13.93
C VAL E 176 -9.50 12.31 15.23
N GLU E 177 -8.97 12.84 16.33
CA GLU E 177 -9.59 12.67 17.62
C GLU E 177 -9.77 14.05 18.22
N ILE E 178 -10.98 14.34 18.70
CA ILE E 178 -11.21 15.64 19.33
C ILE E 178 -11.15 15.49 20.85
N LYS E 179 -10.32 16.33 21.47
CA LYS E 179 -10.18 16.36 22.92
C LYS E 179 -10.67 17.71 23.39
N LYS E 180 -10.67 17.94 24.71
CA LYS E 180 -11.35 19.11 25.26
C LYS E 180 -10.85 20.43 24.65
N ASP E 181 -9.55 20.52 24.35
CA ASP E 181 -8.99 21.79 23.88
C ASP E 181 -8.13 21.71 22.61
N LYS E 182 -8.17 20.58 21.91
CA LYS E 182 -7.30 20.43 20.75
C LYS E 182 -7.76 19.33 19.80
N ILE E 183 -7.27 19.40 18.56
CA ILE E 183 -7.51 18.34 17.59
C ILE E 183 -6.21 17.64 17.23
N ILE E 184 -6.22 16.31 17.34
CA ILE E 184 -5.05 15.51 17.00
C ILE E 184 -5.34 14.72 15.72
N GLY E 185 -4.42 14.75 14.78
CA GLY E 185 -4.54 13.98 13.55
C GLY E 185 -3.38 13.01 13.47
N LYS E 186 -3.64 11.80 12.99
CA LYS E 186 -2.60 10.77 12.88
C LYS E 186 -2.75 10.05 11.53
N SER E 187 -1.64 9.68 10.90
CA SER E 187 -1.70 8.80 9.72
C SER E 187 -2.24 7.47 10.19
N LEU E 188 -3.08 6.83 9.39
CA LEU E 188 -3.51 5.48 9.72
C LEU E 188 -2.52 4.44 9.19
N ASP E 189 -1.51 4.89 8.45
CA ASP E 189 -0.57 3.96 7.85
C ASP E 189 0.70 3.79 8.70
N PRO E 190 0.83 2.64 9.38
CA PRO E 190 2.02 2.44 10.23
C PRO E 190 3.30 2.37 9.41
N ARG E 191 3.20 2.15 8.09
CA ARG E 191 4.39 2.20 7.24
C ARG E 191 5.04 3.56 7.15
N GLU E 192 4.30 4.63 7.47
CA GLU E 192 4.85 5.97 7.36
C GLU E 192 5.67 6.32 8.59
N GLY E 193 5.56 5.50 9.62
CA GLY E 193 6.45 5.62 10.77
C GLY E 193 5.96 6.57 11.88
N GLY E 194 4.65 6.83 11.90
CA GLY E 194 4.04 7.52 13.03
C GLY E 194 3.90 9.02 12.85
N LEU E 195 3.36 9.43 11.70
CA LEU E 195 3.19 10.85 11.40
C LEU E 195 1.93 11.39 12.08
N TYR E 196 2.04 12.57 12.70
CA TYR E 196 0.91 13.15 13.41
C TYR E 196 1.01 14.66 13.45
N GLY E 197 -0.11 15.29 13.81
CA GLY E 197 -0.17 16.73 14.00
C GLY E 197 -1.15 17.06 15.11
N GLU E 198 -1.09 18.29 15.61
CA GLU E 198 -1.92 18.67 16.73
C GLU E 198 -2.18 20.17 16.67
N VAL E 199 -3.45 20.56 16.82
CA VAL E 199 -3.84 21.97 16.76
C VAL E 199 -4.71 22.39 17.94
N LYS E 200 -4.34 23.49 18.58
CA LYS E 200 -5.16 24.03 19.66
C LYS E 200 -6.36 24.76 19.08
N THR E 201 -7.53 24.52 19.66
CA THR E 201 -8.76 25.19 19.24
C THR E 201 -9.77 25.06 20.38
N GLU E 202 -10.78 25.93 20.40
CA GLU E 202 -11.83 25.77 21.38
C GLU E 202 -12.96 24.93 20.83
N VAL E 203 -13.34 23.88 21.56
CA VAL E 203 -14.40 22.99 21.11
C VAL E 203 -15.74 23.45 21.65
N PRO E 204 -16.67 23.79 20.74
CA PRO E 204 -18.01 24.25 21.10
C PRO E 204 -18.83 23.18 21.83
N GLN E 205 -19.92 23.62 22.45
CA GLN E 205 -20.82 22.75 23.19
C GLN E 205 -21.98 22.37 22.29
N GLY E 206 -22.73 21.34 22.65
CA GLY E 206 -23.93 21.01 21.91
C GLY E 206 -23.71 20.32 20.58
N ILE E 207 -22.55 19.67 20.41
CA ILE E 207 -22.29 18.99 19.15
C ILE E 207 -21.93 17.52 19.35
N LYS E 208 -22.27 16.72 18.36
CA LYS E 208 -21.86 15.34 18.30
C LYS E 208 -21.03 15.17 17.03
N TRP E 209 -20.08 14.25 17.04
CA TRP E 209 -19.28 14.05 15.84
C TRP E 209 -19.01 12.56 15.69
N GLU E 210 -18.72 12.15 14.47
CA GLU E 210 -18.39 10.76 14.21
C GLU E 210 -17.39 10.67 13.08
N LEU E 211 -16.53 9.65 13.14
CA LEU E 211 -15.55 9.41 12.09
C LEU E 211 -15.76 7.98 11.54
N TYR E 212 -15.89 7.85 10.22
CA TYR E 212 -16.12 6.53 9.61
C TYR E 212 -15.64 6.48 8.14
N PRO E 213 -15.49 5.26 7.59
CA PRO E 213 -15.04 5.16 6.19
C PRO E 213 -16.01 5.80 5.19
N ASN E 214 -15.46 6.57 4.26
CA ASN E 214 -16.19 6.94 3.06
C ASN E 214 -16.53 5.66 2.30
N PRO E 215 -17.82 5.33 2.17
CA PRO E 215 -18.17 4.06 1.53
C PRO E 215 -17.79 4.04 0.05
N LEU E 216 -17.60 5.20 -0.57
CA LEU E 216 -17.34 5.26 -2.01
C LEU E 216 -15.88 5.43 -2.36
N VAL E 217 -15.06 5.74 -1.35
CA VAL E 217 -13.64 5.98 -1.58
C VAL E 217 -12.80 5.29 -0.49
N ARG E 218 -12.46 4.03 -0.76
CA ARG E 218 -11.76 3.16 0.16
C ARG E 218 -10.48 3.80 0.67
N ARG E 219 -10.20 3.63 1.97
CA ARG E 219 -9.04 4.21 2.64
C ARG E 219 -9.15 5.73 2.83
N PHE E 220 -10.30 6.35 2.54
CA PHE E 220 -10.53 7.75 2.96
C PHE E 220 -11.60 7.80 4.04
N MET E 221 -11.38 8.60 5.07
CA MET E 221 -12.37 8.69 6.13
C MET E 221 -13.24 9.93 5.98
N VAL E 222 -14.43 9.84 6.57
CA VAL E 222 -15.36 10.94 6.66
C VAL E 222 -15.46 11.43 8.10
N PHE E 223 -15.40 12.75 8.27
CA PHE E 223 -15.71 13.35 9.57
C PHE E 223 -17.05 14.02 9.49
N GLU E 224 -17.99 13.53 10.29
CA GLU E 224 -19.34 14.05 10.31
C GLU E 224 -19.63 14.75 11.64
N ILE E 225 -20.18 15.96 11.56
CA ILE E 225 -20.53 16.71 12.77
C ILE E 225 -21.97 17.25 12.74
N THR E 226 -22.70 17.11 13.85
CA THR E 226 -24.08 17.61 13.98
C THR E 226 -24.28 18.54 15.19
N SER E 227 -25.21 19.49 15.08
CA SER E 227 -25.56 20.35 16.21
C SER E 227 -26.57 19.70 17.17
#